data_6YQ1
#
_entry.id   6YQ1
#
_cell.length_a   112.532
_cell.length_b   75.749
_cell.length_c   173.265
_cell.angle_alpha   90.000
_cell.angle_beta   102.370
_cell.angle_gamma   90.000
#
_symmetry.space_group_name_H-M   'C 1 2 1'
#
loop_
_entity.id
_entity.type
_entity.pdbx_description
1 polymer 'Focal adhesion kinase 1'
2 non-polymer ~{N}-methyl-~{N}-[3-[[[2-[(2-oxidanylidene-3,4-dihydro-1~{H}-quinolin-6-yl)amino]-5-(trifluoromethyl)pyrimidin-4-yl]amino]methyl]pyridin-2-yl]methanesulfonamide
3 non-polymer 'SODIUM ION'
4 non-polymer 'SULFATE ION'
5 water water
#
_entity_poly.entity_id   1
_entity_poly.type   'polypeptide(L)'
_entity_poly.pdbx_seq_one_letter_code
;GSGSTRDYEIQRERIELGRCIGEGQFGDVHQGIYMSPENPALAVAIKTCKNCTSDSVREKFLQEALTMRQFDHPHIVKLI
GVITENPVWIIMELCTLGELRSFLQVRKYSLDLASLILYAYQLSTALAYLESKRFVHRDIAARNVLVSSNDCVKLGDFGL
SRYMEDSTYYKASKGKLPIKWMAPESINFRRFTSASDVWMFGVCMWEILMHGVKPFQGVKNNDVIGRIENGERLPMPPNC
PPTLYSLMTKCWAYDPSRRPRFTELKAQLSTILEEEKAQQEE
;
_entity_poly.pdbx_strand_id   A,B,C,D
#
# COMPACT_ATOMS: atom_id res chain seq x y z
N TYR A 8 19.48 -30.57 -3.44
CA TYR A 8 18.18 -29.90 -3.49
C TYR A 8 17.00 -30.73 -2.95
N GLU A 9 17.27 -31.94 -2.43
CA GLU A 9 16.24 -32.79 -1.86
C GLU A 9 16.00 -32.42 -0.39
N ILE A 10 14.74 -32.34 -0.01
CA ILE A 10 14.32 -32.05 1.36
C ILE A 10 13.57 -33.26 1.91
N GLN A 11 13.73 -33.53 3.20
CA GLN A 11 13.06 -34.66 3.83
C GLN A 11 11.78 -34.17 4.47
N ARG A 12 10.64 -34.85 4.23
CA ARG A 12 9.31 -34.43 4.69
C ARG A 12 9.16 -34.28 6.22
N GLU A 13 9.91 -35.06 7.03
CA GLU A 13 9.85 -34.90 8.48
C GLU A 13 10.36 -33.50 8.95
N ARG A 14 11.09 -32.77 8.09
CA ARG A 14 11.58 -31.42 8.38
C ARG A 14 10.61 -30.30 7.95
N ILE A 15 9.39 -30.64 7.55
CA ILE A 15 8.42 -29.66 7.14
C ILE A 15 7.24 -29.74 8.09
N GLU A 16 6.81 -28.59 8.60
CA GLU A 16 5.59 -28.51 9.36
C GLU A 16 4.59 -27.78 8.46
N LEU A 17 3.59 -28.49 7.94
CA LEU A 17 2.62 -27.94 7.02
C LEU A 17 1.61 -27.08 7.79
N GLY A 18 1.35 -25.89 7.27
CA GLY A 18 0.41 -24.95 7.88
C GLY A 18 -0.81 -24.69 7.02
N ARG A 19 -1.38 -23.49 7.15
CA ARG A 19 -2.61 -23.14 6.44
C ARG A 19 -2.48 -23.07 4.90
N CYS A 20 -3.57 -23.33 4.19
CA CYS A 20 -3.61 -23.19 2.76
C CYS A 20 -3.62 -21.68 2.46
N ILE A 21 -2.73 -21.23 1.57
CA ILE A 21 -2.66 -19.81 1.17
C ILE A 21 -3.08 -19.59 -0.29
N GLY A 22 -3.53 -20.63 -0.98
CA GLY A 22 -3.90 -20.51 -2.38
C GLY A 22 -4.01 -21.85 -3.09
N GLU A 23 -4.49 -21.81 -4.30
CA GLU A 23 -4.67 -22.99 -5.11
C GLU A 23 -3.80 -22.86 -6.33
N GLY A 24 -3.10 -23.93 -6.65
CA GLY A 24 -2.29 -24.01 -7.87
C GLY A 24 -2.89 -24.99 -8.85
N GLN A 25 -2.33 -25.06 -10.05
CA GLN A 25 -2.81 -25.94 -11.10
C GLN A 25 -2.70 -27.41 -10.72
N PHE A 26 -1.64 -27.78 -9.99
CA PHE A 26 -1.40 -29.17 -9.59
C PHE A 26 -1.95 -29.54 -8.21
N GLY A 27 -2.26 -28.54 -7.39
CA GLY A 27 -2.73 -28.77 -6.04
C GLY A 27 -2.64 -27.52 -5.17
N ASP A 28 -3.03 -27.65 -3.90
CA ASP A 28 -3.02 -26.54 -2.98
C ASP A 28 -1.63 -26.08 -2.58
N VAL A 29 -1.50 -24.78 -2.27
CA VAL A 29 -0.27 -24.18 -1.81
C VAL A 29 -0.47 -23.85 -0.34
N HIS A 30 0.48 -24.27 0.50
CA HIS A 30 0.39 -24.04 1.93
C HIS A 30 1.53 -23.17 2.41
N GLN A 31 1.32 -22.50 3.53
CA GLN A 31 2.35 -21.81 4.29
C GLN A 31 2.90 -22.92 5.24
N GLY A 32 4.17 -22.81 5.64
CA GLY A 32 4.75 -23.78 6.54
C GLY A 32 6.08 -23.38 7.12
N ILE A 33 6.72 -24.31 7.82
CA ILE A 33 8.04 -24.10 8.42
C ILE A 33 8.99 -25.22 7.99
N TYR A 34 10.19 -24.86 7.57
CA TYR A 34 11.22 -25.81 7.20
C TYR A 34 12.27 -25.78 8.30
N MET A 35 12.39 -26.90 9.04
CA MET A 35 13.38 -27.06 10.08
C MET A 35 14.69 -27.47 9.40
N SER A 36 15.41 -26.47 8.88
N SER A 36 15.41 -26.47 8.88
CA SER A 36 16.68 -26.68 8.18
CA SER A 36 16.68 -26.68 8.18
C SER A 36 17.74 -27.30 9.11
C SER A 36 17.74 -27.30 9.11
N PRO A 37 18.49 -28.29 8.62
CA PRO A 37 19.51 -28.93 9.49
C PRO A 37 20.58 -27.98 9.98
N GLU A 38 20.79 -27.93 11.32
CA GLU A 38 21.76 -27.05 12.01
C GLU A 38 21.60 -25.55 11.70
N ASN A 39 20.39 -25.09 11.38
CA ASN A 39 20.13 -23.68 11.05
C ASN A 39 18.79 -23.20 11.67
N PRO A 40 18.52 -21.86 11.74
CA PRO A 40 17.20 -21.42 12.23
C PRO A 40 16.09 -21.88 11.27
N ALA A 41 14.91 -22.18 11.79
CA ALA A 41 13.80 -22.64 10.97
C ALA A 41 13.28 -21.51 10.07
N LEU A 42 12.95 -21.84 8.81
CA LEU A 42 12.50 -20.85 7.82
C LEU A 42 11.02 -20.92 7.56
N ALA A 43 10.39 -19.75 7.36
CA ALA A 43 8.99 -19.67 6.95
C ALA A 43 9.02 -19.97 5.45
N VAL A 44 8.21 -20.92 4.98
CA VAL A 44 8.21 -21.35 3.59
C VAL A 44 6.79 -21.46 3.00
N ALA A 45 6.70 -21.51 1.66
CA ALA A 45 5.49 -21.77 0.89
C ALA A 45 5.70 -23.15 0.27
N ILE A 46 4.69 -24.01 0.36
CA ILE A 46 4.77 -25.38 -0.11
C ILE A 46 3.77 -25.64 -1.24
N LYS A 47 4.28 -25.90 -2.44
CA LYS A 47 3.41 -26.26 -3.57
C LYS A 47 3.21 -27.78 -3.51
N THR A 48 1.96 -28.23 -3.40
CA THR A 48 1.68 -29.66 -3.37
C THR A 48 1.16 -30.13 -4.73
N CYS A 49 1.26 -31.43 -4.98
CA CYS A 49 0.77 -32.02 -6.22
C CYS A 49 -0.17 -33.18 -5.92
N LYS A 50 -1.42 -33.10 -6.39
CA LYS A 50 -2.45 -34.12 -6.17
C LYS A 50 -2.28 -35.39 -7.06
N ASN A 51 -1.97 -35.24 -8.35
CA ASN A 51 -1.86 -36.39 -9.24
C ASN A 51 -0.44 -36.66 -9.74
N CYS A 52 0.58 -36.43 -8.88
CA CYS A 52 1.96 -36.67 -9.31
C CYS A 52 2.38 -38.15 -9.32
N THR A 53 1.43 -39.07 -9.12
CA THR A 53 1.68 -40.50 -9.30
C THR A 53 1.97 -40.75 -10.82
N SER A 54 1.24 -40.04 -11.70
N SER A 54 1.24 -40.04 -11.70
CA SER A 54 1.44 -40.12 -13.14
CA SER A 54 1.44 -40.13 -13.14
C SER A 54 2.82 -39.53 -13.48
C SER A 54 2.81 -39.54 -13.47
N ASP A 55 3.64 -40.26 -14.25
CA ASP A 55 4.98 -39.79 -14.62
C ASP A 55 5.00 -38.51 -15.42
N SER A 56 4.05 -38.32 -16.35
CA SER A 56 4.02 -37.10 -17.16
C SER A 56 3.65 -35.88 -16.31
N VAL A 57 2.80 -36.06 -15.29
CA VAL A 57 2.38 -34.98 -14.40
C VAL A 57 3.52 -34.64 -13.45
N ARG A 58 4.18 -35.67 -12.88
CA ARG A 58 5.30 -35.54 -11.96
C ARG A 58 6.46 -34.78 -12.60
N GLU A 59 6.78 -35.11 -13.86
CA GLU A 59 7.87 -34.44 -14.56
C GLU A 59 7.54 -33.01 -14.90
N LYS A 60 6.26 -32.72 -15.21
CA LYS A 60 5.85 -31.36 -15.50
C LYS A 60 5.94 -30.51 -14.22
N PHE A 61 5.51 -31.09 -13.06
CA PHE A 61 5.52 -30.39 -11.78
C PHE A 61 6.93 -30.09 -11.34
N LEU A 62 7.82 -31.07 -11.47
CA LEU A 62 9.23 -30.93 -11.11
C LEU A 62 10.00 -30.01 -12.04
N GLN A 63 9.52 -29.79 -13.25
CA GLN A 63 10.14 -28.83 -14.17
C GLN A 63 9.94 -27.40 -13.67
N GLU A 64 8.83 -27.12 -12.93
CA GLU A 64 8.59 -25.81 -12.36
C GLU A 64 9.63 -25.46 -11.29
N ALA A 65 10.09 -26.47 -10.51
CA ALA A 65 11.11 -26.23 -9.51
C ALA A 65 12.46 -25.95 -10.20
N LEU A 66 12.76 -26.68 -11.30
CA LEU A 66 13.98 -26.48 -12.10
C LEU A 66 14.00 -25.08 -12.75
N THR A 67 12.83 -24.57 -13.15
CA THR A 67 12.73 -23.24 -13.72
C THR A 67 13.14 -22.20 -12.68
N MET A 68 12.66 -22.33 -11.43
CA MET A 68 13.02 -21.36 -10.39
C MET A 68 14.44 -21.54 -9.88
N ARG A 69 14.98 -22.78 -9.92
CA ARG A 69 16.33 -23.09 -9.47
C ARG A 69 17.40 -22.31 -10.25
N GLN A 70 17.15 -22.01 -11.53
CA GLN A 70 18.09 -21.29 -12.36
C GLN A 70 18.22 -19.80 -12.01
N PHE A 71 17.30 -19.25 -11.19
CA PHE A 71 17.33 -17.84 -10.81
C PHE A 71 17.75 -17.62 -9.36
N ASP A 72 18.55 -16.58 -9.11
CA ASP A 72 19.01 -16.24 -7.78
C ASP A 72 19.03 -14.72 -7.68
N HIS A 73 17.94 -14.12 -7.21
CA HIS A 73 17.82 -12.67 -7.14
C HIS A 73 17.03 -12.26 -5.88
N PRO A 74 17.41 -11.17 -5.19
CA PRO A 74 16.67 -10.78 -3.98
C PRO A 74 15.19 -10.44 -4.17
N HIS A 75 14.74 -10.14 -5.42
CA HIS A 75 13.34 -9.80 -5.64
C HIS A 75 12.60 -10.82 -6.52
N ILE A 76 13.02 -12.09 -6.45
CA ILE A 76 12.37 -13.20 -7.12
C ILE A 76 12.31 -14.32 -6.06
N VAL A 77 11.13 -14.95 -5.81
CA VAL A 77 11.06 -16.03 -4.82
C VAL A 77 12.05 -17.15 -5.16
N LYS A 78 12.75 -17.58 -4.13
CA LYS A 78 13.79 -18.57 -4.19
C LYS A 78 13.27 -20.00 -3.94
N LEU A 79 13.83 -20.96 -4.70
CA LEU A 79 13.54 -22.36 -4.49
C LEU A 79 14.40 -22.79 -3.29
N ILE A 80 13.78 -23.43 -2.31
CA ILE A 80 14.47 -23.96 -1.14
C ILE A 80 14.87 -25.43 -1.40
N GLY A 81 13.94 -26.20 -1.97
CA GLY A 81 14.16 -27.58 -2.30
C GLY A 81 12.91 -28.31 -2.75
N VAL A 82 13.04 -29.62 -3.01
CA VAL A 82 11.92 -30.45 -3.43
C VAL A 82 11.89 -31.76 -2.62
N ILE A 83 10.70 -32.34 -2.51
CA ILE A 83 10.49 -33.65 -1.88
C ILE A 83 9.95 -34.50 -3.03
N THR A 84 10.78 -35.39 -3.60
CA THR A 84 10.34 -36.20 -4.74
C THR A 84 9.61 -37.49 -4.34
N GLU A 85 9.40 -37.72 -3.04
CA GLU A 85 8.63 -38.88 -2.58
C GLU A 85 7.15 -38.54 -2.75
N ASN A 86 6.32 -39.55 -2.86
CA ASN A 86 4.88 -39.38 -3.04
C ASN A 86 4.22 -38.92 -1.73
N PRO A 87 3.50 -37.77 -1.65
CA PRO A 87 3.19 -36.78 -2.70
C PRO A 87 4.27 -35.71 -2.88
N VAL A 88 4.63 -35.43 -4.12
CA VAL A 88 5.68 -34.48 -4.48
C VAL A 88 5.37 -33.05 -4.01
N TRP A 89 6.34 -32.40 -3.37
CA TRP A 89 6.20 -31.04 -2.87
C TRP A 89 7.36 -30.20 -3.35
N ILE A 90 7.09 -28.90 -3.64
CA ILE A 90 8.13 -27.95 -3.98
C ILE A 90 8.15 -26.93 -2.85
N ILE A 91 9.32 -26.73 -2.24
CA ILE A 91 9.46 -25.81 -1.12
C ILE A 91 10.08 -24.50 -1.61
N MET A 92 9.34 -23.40 -1.48
CA MET A 92 9.76 -22.06 -1.89
C MET A 92 9.87 -21.15 -0.67
N GLU A 93 10.62 -20.03 -0.77
CA GLU A 93 10.65 -19.08 0.32
C GLU A 93 9.25 -18.45 0.48
N LEU A 94 8.84 -18.13 1.72
CA LEU A 94 7.55 -17.48 1.93
C LEU A 94 7.70 -15.97 1.95
N CYS A 95 6.80 -15.26 1.28
CA CYS A 95 6.74 -13.80 1.36
C CYS A 95 5.65 -13.60 2.38
N THR A 96 6.03 -13.31 3.63
CA THR A 96 5.15 -13.33 4.82
C THR A 96 3.85 -12.56 4.69
N LEU A 97 3.87 -11.34 4.10
CA LEU A 97 2.69 -10.50 4.01
C LEU A 97 1.73 -10.80 2.81
N GLY A 98 2.03 -11.79 1.97
CA GLY A 98 1.12 -12.18 0.90
C GLY A 98 1.10 -11.39 -0.41
N GLU A 99 -0.06 -11.39 -1.05
CA GLU A 99 -0.26 -10.76 -2.33
C GLU A 99 -0.22 -9.22 -2.32
N LEU A 100 0.49 -8.62 -3.28
CA LEU A 100 0.62 -7.16 -3.40
C LEU A 100 -0.69 -6.41 -3.56
N ARG A 101 -1.60 -6.88 -4.43
CA ARG A 101 -2.86 -6.16 -4.65
C ARG A 101 -3.67 -6.01 -3.34
N SER A 102 -3.77 -7.09 -2.55
CA SER A 102 -4.47 -7.08 -1.25
C SER A 102 -3.78 -6.08 -0.28
N PHE A 103 -2.43 -6.15 -0.21
CA PHE A 103 -1.62 -5.27 0.63
C PHE A 103 -1.85 -3.77 0.27
N LEU A 104 -1.85 -3.45 -1.04
CA LEU A 104 -2.05 -2.09 -1.53
C LEU A 104 -3.50 -1.63 -1.27
N GLN A 105 -4.49 -2.51 -1.49
CA GLN A 105 -5.92 -2.21 -1.28
C GLN A 105 -6.24 -1.92 0.22
N VAL A 106 -5.49 -2.52 1.17
CA VAL A 106 -5.68 -2.24 2.60
C VAL A 106 -5.23 -0.83 2.95
N ARG A 107 -4.05 -0.45 2.46
CA ARG A 107 -3.44 0.81 2.83
C ARG A 107 -3.93 1.98 2.05
N LYS A 108 -4.21 1.81 0.75
CA LYS A 108 -4.64 2.90 -0.14
C LYS A 108 -3.70 4.14 0.00
N TYR A 109 -4.19 5.34 0.40
CA TYR A 109 -3.36 6.54 0.51
C TYR A 109 -2.40 6.58 1.72
N SER A 110 -2.53 5.65 2.68
CA SER A 110 -1.63 5.61 3.84
C SER A 110 -0.20 5.08 3.51
N LEU A 111 -0.03 4.49 2.33
CA LEU A 111 1.28 4.04 1.91
C LEU A 111 1.94 5.28 1.33
N ASP A 112 3.14 5.61 1.82
N ASP A 112 3.12 5.65 1.85
CA ASP A 112 3.90 6.75 1.32
CA ASP A 112 3.84 6.81 1.34
C ASP A 112 4.25 6.54 -0.15
C ASP A 112 4.28 6.56 -0.11
N LEU A 113 4.34 7.63 -0.90
CA LEU A 113 4.72 7.56 -2.31
C LEU A 113 6.10 6.94 -2.50
N ALA A 114 7.01 7.17 -1.54
CA ALA A 114 8.35 6.60 -1.52
C ALA A 114 8.30 5.06 -1.43
N SER A 115 7.26 4.48 -0.81
CA SER A 115 7.16 3.01 -0.72
C SER A 115 6.69 2.45 -2.05
N LEU A 116 5.71 3.12 -2.70
CA LEU A 116 5.16 2.68 -3.97
C LEU A 116 6.22 2.72 -5.09
N ILE A 117 7.02 3.78 -5.13
CA ILE A 117 8.12 3.92 -6.09
C ILE A 117 9.18 2.86 -5.80
N LEU A 118 9.48 2.61 -4.52
CA LEU A 118 10.42 1.55 -4.11
C LEU A 118 9.97 0.18 -4.64
N TYR A 119 8.66 -0.13 -4.55
CA TYR A 119 8.16 -1.42 -5.06
C TYR A 119 8.40 -1.53 -6.56
N ALA A 120 8.15 -0.44 -7.34
CA ALA A 120 8.36 -0.41 -8.77
C ALA A 120 9.85 -0.59 -9.09
N TYR A 121 10.72 0.09 -8.33
CA TYR A 121 12.17 -0.04 -8.50
C TYR A 121 12.61 -1.51 -8.25
N GLN A 122 12.14 -2.13 -7.15
CA GLN A 122 12.54 -3.51 -6.81
C GLN A 122 12.18 -4.50 -7.90
N LEU A 123 10.97 -4.37 -8.47
CA LEU A 123 10.52 -5.19 -9.57
C LEU A 123 11.36 -4.96 -10.83
N SER A 124 11.76 -3.71 -11.10
CA SER A 124 12.60 -3.39 -12.25
C SER A 124 13.98 -4.07 -12.13
N THR A 125 14.51 -4.23 -10.91
CA THR A 125 15.78 -4.94 -10.73
C THR A 125 15.61 -6.44 -11.03
N ALA A 126 14.46 -7.03 -10.64
CA ALA A 126 14.22 -8.44 -10.89
C ALA A 126 13.98 -8.67 -12.40
N LEU A 127 13.35 -7.71 -13.07
CA LEU A 127 13.09 -7.81 -14.49
C LEU A 127 14.35 -7.56 -15.32
N ALA A 128 15.26 -6.68 -14.84
CA ALA A 128 16.57 -6.46 -15.51
C ALA A 128 17.41 -7.74 -15.38
N TYR A 129 17.29 -8.43 -14.25
CA TYR A 129 17.98 -9.69 -14.03
C TYR A 129 17.45 -10.77 -14.97
N LEU A 130 16.12 -10.89 -15.11
CA LEU A 130 15.55 -11.88 -16.04
C LEU A 130 15.99 -11.57 -17.48
N GLU A 131 15.99 -10.28 -17.87
CA GLU A 131 16.45 -9.86 -19.19
C GLU A 131 17.93 -10.20 -19.38
N SER A 132 18.77 -10.06 -18.34
CA SER A 132 20.20 -10.42 -18.42
C SER A 132 20.38 -11.94 -18.72
N LYS A 133 19.39 -12.76 -18.37
CA LYS A 133 19.40 -14.21 -18.63
C LYS A 133 18.65 -14.57 -19.93
N ARG A 134 18.18 -13.58 -20.69
CA ARG A 134 17.42 -13.75 -21.92
C ARG A 134 16.13 -14.52 -21.67
N PHE A 135 15.47 -14.23 -20.54
CA PHE A 135 14.26 -14.91 -20.15
C PHE A 135 13.09 -13.98 -20.32
N VAL A 136 12.07 -14.39 -21.10
CA VAL A 136 10.89 -13.55 -21.33
C VAL A 136 9.79 -14.07 -20.40
N HIS A 137 9.28 -13.19 -19.51
CA HIS A 137 8.28 -13.52 -18.49
C HIS A 137 6.88 -13.78 -19.07
N ARG A 138 6.33 -12.80 -19.83
CA ARG A 138 5.01 -12.85 -20.50
C ARG A 138 3.81 -12.59 -19.58
N ASP A 139 3.99 -12.51 -18.25
CA ASP A 139 2.84 -12.31 -17.36
C ASP A 139 3.16 -11.36 -16.20
N ILE A 140 3.70 -10.19 -16.53
CA ILE A 140 4.03 -9.17 -15.55
C ILE A 140 2.79 -8.40 -15.22
N ALA A 141 2.33 -8.55 -13.98
CA ALA A 141 1.10 -7.96 -13.44
C ALA A 141 1.21 -7.97 -11.93
N ALA A 142 0.51 -7.03 -11.26
CA ALA A 142 0.55 -6.95 -9.79
C ALA A 142 0.06 -8.24 -9.10
N ARG A 143 -0.81 -9.02 -9.76
N ARG A 143 -0.80 -9.02 -9.77
CA ARG A 143 -1.28 -10.27 -9.17
CA ARG A 143 -1.29 -10.28 -9.20
C ARG A 143 -0.16 -11.31 -9.00
C ARG A 143 -0.17 -11.32 -9.03
N ASN A 144 0.95 -11.18 -9.74
CA ASN A 144 2.07 -12.09 -9.61
C ASN A 144 3.18 -11.52 -8.73
N VAL A 145 2.89 -10.53 -7.90
CA VAL A 145 3.88 -9.89 -7.04
C VAL A 145 3.49 -10.13 -5.59
N LEU A 146 4.48 -10.51 -4.77
CA LEU A 146 4.26 -10.83 -3.37
C LEU A 146 5.02 -9.86 -2.46
N VAL A 147 4.59 -9.77 -1.19
CA VAL A 147 5.17 -8.85 -0.22
C VAL A 147 5.92 -9.61 0.89
N SER A 148 7.25 -9.49 0.91
N SER A 148 7.24 -9.49 0.91
CA SER A 148 8.06 -10.15 1.94
CA SER A 148 8.06 -10.13 1.95
C SER A 148 8.12 -9.33 3.23
C SER A 148 8.03 -9.32 3.25
N SER A 149 8.01 -8.00 3.14
CA SER A 149 7.98 -7.07 4.28
C SER A 149 7.46 -5.70 3.76
N ASN A 150 7.23 -4.70 4.64
CA ASN A 150 6.78 -3.38 4.23
C ASN A 150 7.72 -2.72 3.20
N ASP A 151 9.01 -3.09 3.18
CA ASP A 151 9.93 -2.50 2.22
C ASP A 151 10.59 -3.51 1.31
N CYS A 152 9.85 -4.56 0.96
CA CYS A 152 10.35 -5.57 0.05
C CYS A 152 9.26 -6.35 -0.67
N VAL A 153 9.23 -6.25 -1.99
CA VAL A 153 8.32 -7.03 -2.83
C VAL A 153 9.14 -7.97 -3.73
N LYS A 154 8.52 -9.07 -4.18
CA LYS A 154 9.20 -10.05 -5.04
C LYS A 154 8.27 -10.59 -6.11
N LEU A 155 8.82 -11.01 -7.26
CA LEU A 155 8.05 -11.70 -8.29
C LEU A 155 7.72 -13.09 -7.71
N GLY A 156 6.46 -13.53 -7.84
CA GLY A 156 6.05 -14.84 -7.34
C GLY A 156 6.49 -15.99 -8.22
N ASP A 157 6.15 -17.23 -7.81
CA ASP A 157 6.50 -18.45 -8.53
C ASP A 157 6.01 -18.42 -9.99
N PHE A 158 6.89 -18.81 -10.94
CA PHE A 158 6.59 -18.75 -12.37
C PHE A 158 5.53 -19.81 -12.79
N GLY A 159 5.63 -20.99 -12.23
CA GLY A 159 4.68 -22.07 -12.45
C GLY A 159 3.28 -21.71 -11.98
N LEU A 160 3.16 -21.08 -10.80
CA LEU A 160 1.87 -20.63 -10.24
C LEU A 160 1.29 -19.40 -11.00
N SER A 161 2.12 -18.70 -11.78
CA SER A 161 1.68 -17.55 -12.57
C SER A 161 0.83 -18.05 -13.75
N ARG A 162 -0.44 -17.65 -13.81
CA ARG A 162 -1.45 -18.07 -14.79
C ARG A 162 -1.10 -18.01 -16.30
N TYR A 163 -0.33 -17.03 -16.76
CA TYR A 163 -0.11 -16.87 -18.21
C TYR A 163 1.34 -16.83 -18.70
N MET A 164 2.27 -17.46 -17.96
CA MET A 164 3.67 -17.54 -18.42
C MET A 164 3.79 -18.62 -19.52
N GLU A 165 4.90 -18.63 -20.29
CA GLU A 165 5.07 -19.58 -21.39
C GLU A 165 4.89 -21.06 -20.99
N ASP A 166 5.59 -21.52 -19.93
CA ASP A 166 5.51 -22.93 -19.53
C ASP A 166 4.48 -23.24 -18.45
N SER A 167 3.65 -22.26 -18.10
CA SER A 167 2.64 -22.43 -17.07
C SER A 167 1.39 -23.16 -17.58
N THR A 168 0.90 -24.16 -16.83
CA THR A 168 -0.33 -24.86 -17.20
C THR A 168 -1.54 -23.99 -16.85
N TYR A 169 -2.70 -24.27 -17.46
CA TYR A 169 -3.89 -23.46 -17.18
C TYR A 169 -4.60 -23.91 -15.90
N TYR A 170 -5.31 -22.97 -15.28
CA TYR A 170 -6.17 -23.25 -14.14
C TYR A 170 -7.58 -23.57 -14.72
N LYS A 171 -8.52 -24.10 -13.89
CA LYS A 171 -9.88 -24.39 -14.37
C LYS A 171 -10.53 -23.17 -15.05
N ALA A 172 -10.30 -21.98 -14.48
CA ALA A 172 -10.81 -20.73 -15.04
C ALA A 172 -9.85 -20.19 -16.10
N LYS A 176 -8.50 -16.26 -20.21
CA LYS A 176 -7.70 -16.91 -21.23
C LYS A 176 -6.39 -16.14 -21.48
N LEU A 177 -6.45 -14.82 -21.71
CA LEU A 177 -5.26 -14.00 -21.89
C LEU A 177 -5.42 -12.69 -21.11
N PRO A 178 -4.33 -12.17 -20.51
CA PRO A 178 -4.44 -10.89 -19.81
C PRO A 178 -4.30 -9.71 -20.79
N ILE A 179 -5.27 -9.54 -21.70
CA ILE A 179 -5.31 -8.54 -22.75
C ILE A 179 -5.00 -7.09 -22.26
N LYS A 180 -5.54 -6.67 -21.11
CA LYS A 180 -5.37 -5.30 -20.57
C LYS A 180 -3.94 -4.95 -20.11
N TRP A 181 -3.07 -5.95 -20.02
CA TRP A 181 -1.67 -5.82 -19.63
C TRP A 181 -0.73 -6.01 -20.85
N MET A 182 -1.22 -6.60 -21.94
CA MET A 182 -0.38 -7.01 -23.05
C MET A 182 -0.01 -5.95 -24.06
N ALA A 183 1.21 -6.08 -24.61
CA ALA A 183 1.70 -5.20 -25.68
C ALA A 183 0.84 -5.45 -26.91
N PRO A 184 0.70 -4.43 -27.80
CA PRO A 184 -0.12 -4.60 -29.01
C PRO A 184 0.31 -5.74 -29.93
N GLU A 185 1.62 -5.97 -30.07
CA GLU A 185 2.13 -7.05 -30.90
C GLU A 185 1.83 -8.42 -30.30
N SER A 186 1.68 -8.51 -28.96
CA SER A 186 1.34 -9.75 -28.30
C SER A 186 -0.15 -10.03 -28.50
N ILE A 187 -1.02 -9.00 -28.39
CA ILE A 187 -2.47 -9.14 -28.59
C ILE A 187 -2.76 -9.50 -30.04
N ASN A 188 -2.14 -8.77 -30.98
CA ASN A 188 -2.39 -8.99 -32.40
C ASN A 188 -1.73 -10.27 -32.96
N PHE A 189 -0.42 -10.50 -32.73
CA PHE A 189 0.26 -11.62 -33.40
C PHE A 189 0.92 -12.63 -32.48
N ARG A 190 0.66 -12.60 -31.17
CA ARG A 190 1.28 -13.47 -30.15
C ARG A 190 2.80 -13.29 -30.11
N ARG A 191 3.30 -12.07 -30.34
CA ARG A 191 4.72 -11.79 -30.26
C ARG A 191 5.11 -11.49 -28.79
N PHE A 192 6.00 -12.29 -28.20
CA PHE A 192 6.44 -12.05 -26.83
C PHE A 192 7.97 -11.91 -26.77
N THR A 193 8.44 -10.71 -26.41
CA THR A 193 9.88 -10.41 -26.32
C THR A 193 10.16 -9.64 -25.00
N SER A 194 11.44 -9.28 -24.75
CA SER A 194 11.83 -8.41 -23.65
C SER A 194 11.09 -7.04 -23.76
N ALA A 195 10.84 -6.56 -25.01
CA ALA A 195 10.13 -5.32 -25.24
C ALA A 195 8.66 -5.40 -24.87
N SER A 196 8.02 -6.55 -25.08
CA SER A 196 6.61 -6.71 -24.68
C SER A 196 6.51 -6.81 -23.13
N ASP A 197 7.56 -7.35 -22.48
CA ASP A 197 7.64 -7.43 -21.02
C ASP A 197 7.70 -6.00 -20.41
N VAL A 198 8.39 -5.08 -21.10
CA VAL A 198 8.51 -3.67 -20.70
C VAL A 198 7.15 -2.99 -20.74
N TRP A 199 6.34 -3.28 -21.76
CA TRP A 199 4.97 -2.75 -21.87
C TRP A 199 4.15 -3.19 -20.61
N MET A 200 4.21 -4.51 -20.29
CA MET A 200 3.49 -5.10 -19.13
C MET A 200 3.95 -4.48 -17.84
N PHE A 201 5.27 -4.24 -17.70
CA PHE A 201 5.83 -3.61 -16.51
C PHE A 201 5.29 -2.17 -16.31
N GLY A 202 5.08 -1.41 -17.39
CA GLY A 202 4.48 -0.10 -17.27
C GLY A 202 3.06 -0.20 -16.72
N VAL A 203 2.32 -1.26 -17.13
CA VAL A 203 0.98 -1.49 -16.59
C VAL A 203 1.05 -1.87 -15.12
N CYS A 204 2.02 -2.71 -14.74
CA CYS A 204 2.23 -3.12 -13.35
C CYS A 204 2.57 -1.90 -12.48
N MET A 205 3.41 -0.96 -12.98
CA MET A 205 3.74 0.26 -12.24
C MET A 205 2.48 1.09 -12.03
N TRP A 206 1.62 1.19 -13.05
CA TRP A 206 0.36 1.90 -12.98
C TRP A 206 -0.52 1.27 -11.90
N GLU A 207 -0.59 -0.07 -11.86
CA GLU A 207 -1.35 -0.81 -10.84
C GLU A 207 -0.86 -0.45 -9.42
N ILE A 208 0.46 -0.42 -9.20
CA ILE A 208 1.05 -0.08 -7.91
C ILE A 208 0.68 1.35 -7.48
N LEU A 209 0.82 2.31 -8.42
CA LEU A 209 0.50 3.71 -8.13
C LEU A 209 -1.01 3.92 -7.95
N MET A 210 -1.86 3.02 -8.48
CA MET A 210 -3.32 3.04 -8.32
C MET A 210 -3.81 2.24 -7.10
N HIS A 211 -2.89 1.81 -6.21
CA HIS A 211 -3.22 1.06 -5.00
C HIS A 211 -3.97 -0.26 -5.25
N GLY A 212 -3.54 -1.00 -6.27
CA GLY A 212 -4.12 -2.30 -6.53
C GLY A 212 -5.36 -2.31 -7.39
N VAL A 213 -5.67 -1.20 -8.08
CA VAL A 213 -6.80 -1.16 -8.99
C VAL A 213 -6.36 -1.76 -10.34
N LYS A 214 -7.25 -2.52 -11.00
CA LYS A 214 -6.97 -3.15 -12.29
C LYS A 214 -7.11 -2.14 -13.46
N PRO A 215 -6.26 -2.27 -14.50
CA PRO A 215 -6.35 -1.38 -15.66
C PRO A 215 -7.60 -1.64 -16.52
N PHE A 216 -8.12 -0.58 -17.14
CA PHE A 216 -9.26 -0.62 -18.05
C PHE A 216 -10.52 -1.26 -17.46
N GLN A 217 -10.85 -0.94 -16.20
CA GLN A 217 -12.05 -1.51 -15.57
C GLN A 217 -13.31 -1.05 -16.30
N GLY A 218 -14.21 -1.97 -16.60
CA GLY A 218 -15.43 -1.64 -17.32
C GLY A 218 -15.26 -1.51 -18.83
N VAL A 219 -14.09 -1.90 -19.36
CA VAL A 219 -13.82 -1.87 -20.80
C VAL A 219 -13.72 -3.33 -21.29
N LYS A 220 -14.36 -3.65 -22.42
CA LYS A 220 -14.28 -5.01 -22.97
C LYS A 220 -12.90 -5.22 -23.60
N ASN A 221 -12.37 -6.45 -23.47
CA ASN A 221 -11.06 -6.84 -24.01
C ASN A 221 -10.90 -6.49 -25.49
N ASN A 222 -11.94 -6.71 -26.31
CA ASN A 222 -11.89 -6.42 -27.73
C ASN A 222 -11.76 -4.93 -28.04
N ASP A 223 -12.21 -4.05 -27.12
CA ASP A 223 -12.13 -2.60 -27.28
C ASP A 223 -10.76 -2.01 -26.88
N VAL A 224 -9.93 -2.80 -26.18
CA VAL A 224 -8.63 -2.34 -25.72
C VAL A 224 -7.66 -2.05 -26.87
N ILE A 225 -7.50 -2.97 -27.85
CA ILE A 225 -6.56 -2.74 -28.97
C ILE A 225 -6.95 -1.52 -29.83
N GLY A 226 -8.24 -1.25 -30.00
CA GLY A 226 -8.69 -0.09 -30.75
C GLY A 226 -8.29 1.20 -30.09
N ARG A 227 -8.38 1.25 -28.76
CA ARG A 227 -8.01 2.41 -27.98
C ARG A 227 -6.50 2.63 -28.01
N ILE A 228 -5.72 1.55 -27.87
CA ILE A 228 -4.27 1.63 -27.91
C ILE A 228 -3.79 2.11 -29.27
N GLU A 229 -4.38 1.58 -30.36
CA GLU A 229 -4.01 2.01 -31.71
C GLU A 229 -4.38 3.47 -31.99
N ASN A 230 -5.42 3.98 -31.32
CA ASN A 230 -5.81 5.41 -31.41
C ASN A 230 -4.93 6.30 -30.49
N GLY A 231 -3.89 5.74 -29.87
CA GLY A 231 -2.97 6.49 -29.03
C GLY A 231 -3.37 6.66 -27.58
N GLU A 232 -4.55 6.13 -27.18
N GLU A 232 -4.54 6.13 -27.18
CA GLU A 232 -5.02 6.23 -25.80
CA GLU A 232 -5.00 6.26 -25.81
C GLU A 232 -4.18 5.37 -24.88
C GLU A 232 -4.18 5.37 -24.88
N ARG A 233 -3.91 5.87 -23.68
CA ARG A 233 -3.12 5.16 -22.70
C ARG A 233 -3.81 5.25 -21.33
N LEU A 234 -3.37 4.46 -20.34
CA LEU A 234 -3.87 4.51 -18.97
C LEU A 234 -3.57 5.90 -18.39
N PRO A 235 -4.53 6.52 -17.69
CA PRO A 235 -4.33 7.89 -17.23
C PRO A 235 -3.33 8.02 -16.09
N MET A 236 -2.85 9.25 -15.83
CA MET A 236 -1.91 9.48 -14.74
C MET A 236 -2.60 9.21 -13.41
N PRO A 237 -2.09 8.24 -12.63
CA PRO A 237 -2.72 7.94 -11.34
C PRO A 237 -2.62 9.14 -10.39
N PRO A 238 -3.64 9.35 -9.52
CA PRO A 238 -3.57 10.46 -8.57
C PRO A 238 -2.33 10.38 -7.69
N ASN A 239 -1.62 11.50 -7.53
CA ASN A 239 -0.38 11.61 -6.74
C ASN A 239 0.84 11.06 -7.41
N CYS A 240 0.72 10.46 -8.60
CA CYS A 240 1.89 9.94 -9.30
C CYS A 240 2.76 11.12 -9.76
N PRO A 241 4.06 11.10 -9.44
CA PRO A 241 4.95 12.17 -9.91
C PRO A 241 4.96 12.20 -11.44
N PRO A 242 4.89 13.39 -12.06
CA PRO A 242 4.91 13.46 -13.52
C PRO A 242 6.09 12.75 -14.18
N THR A 243 7.28 12.76 -13.57
CA THR A 243 8.44 12.05 -14.11
C THR A 243 8.19 10.52 -14.19
N LEU A 244 7.45 9.99 -13.20
CA LEU A 244 7.13 8.56 -13.16
C LEU A 244 6.09 8.23 -14.25
N TYR A 245 5.10 9.13 -14.45
CA TYR A 245 4.10 8.91 -15.49
C TYR A 245 4.73 8.96 -16.87
N SER A 246 5.68 9.88 -17.09
CA SER A 246 6.41 10.00 -18.36
C SER A 246 7.16 8.67 -18.64
N LEU A 247 7.78 8.11 -17.61
CA LEU A 247 8.46 6.81 -17.72
C LEU A 247 7.49 5.67 -18.12
N MET A 248 6.26 5.66 -17.57
CA MET A 248 5.22 4.70 -17.93
C MET A 248 4.88 4.84 -19.38
N THR A 249 4.66 6.10 -19.88
CA THR A 249 4.29 6.29 -21.29
C THR A 249 5.42 5.82 -22.23
N LYS A 250 6.69 5.86 -21.80
CA LYS A 250 7.82 5.36 -22.62
C LYS A 250 7.79 3.80 -22.74
N CYS A 251 7.29 3.13 -21.70
CA CYS A 251 7.07 1.68 -21.73
C CYS A 251 5.95 1.34 -22.75
N TRP A 252 5.00 2.28 -22.95
CA TRP A 252 3.88 2.09 -23.82
C TRP A 252 4.09 2.69 -25.22
N ALA A 253 5.34 2.73 -25.74
CA ALA A 253 5.58 3.14 -27.12
C ALA A 253 4.98 2.04 -28.01
N TYR A 254 4.15 2.39 -29.02
CA TYR A 254 3.51 1.37 -29.86
C TYR A 254 4.56 0.47 -30.56
N ASP A 255 5.63 1.09 -31.09
CA ASP A 255 6.70 0.33 -31.73
C ASP A 255 7.59 -0.25 -30.61
N PRO A 256 7.70 -1.59 -30.50
CA PRO A 256 8.52 -2.18 -29.43
C PRO A 256 10.00 -1.79 -29.47
N SER A 257 10.53 -1.47 -30.66
CA SER A 257 11.93 -1.07 -30.78
C SER A 257 12.21 0.30 -30.13
N ARG A 258 11.17 1.10 -29.82
CA ARG A 258 11.34 2.40 -29.18
C ARG A 258 11.23 2.34 -27.64
N ARG A 259 10.85 1.19 -27.08
CA ARG A 259 10.69 1.04 -25.63
C ARG A 259 12.06 0.90 -24.96
N PRO A 260 12.22 1.46 -23.74
CA PRO A 260 13.52 1.30 -23.07
C PRO A 260 13.69 -0.17 -22.60
N ARG A 261 14.91 -0.56 -22.22
CA ARG A 261 15.17 -1.85 -21.60
C ARG A 261 15.08 -1.69 -20.07
N PHE A 262 15.08 -2.82 -19.33
CA PHE A 262 14.93 -2.80 -17.89
C PHE A 262 16.09 -2.10 -17.11
N THR A 263 17.33 -2.12 -17.60
CA THR A 263 18.43 -1.43 -16.91
C THR A 263 18.22 0.09 -16.88
N GLU A 264 17.66 0.66 -17.96
N GLU A 264 17.65 0.65 -17.93
CA GLU A 264 17.36 2.08 -18.04
CA GLU A 264 17.39 2.07 -17.98
C GLU A 264 16.20 2.40 -17.09
C GLU A 264 16.15 2.44 -17.15
N LEU A 265 15.16 1.55 -17.08
CA LEU A 265 13.99 1.76 -16.20
C LEU A 265 14.46 1.73 -14.71
N LYS A 266 15.35 0.81 -14.38
CA LYS A 266 15.93 0.68 -13.05
C LYS A 266 16.66 1.98 -12.65
N ALA A 267 17.56 2.50 -13.51
CA ALA A 267 18.30 3.72 -13.25
C ALA A 267 17.37 4.94 -13.08
N GLN A 268 16.34 5.06 -13.93
CA GLN A 268 15.42 6.18 -13.86
C GLN A 268 14.51 6.13 -12.64
N LEU A 269 14.13 4.93 -12.23
CA LEU A 269 13.30 4.75 -11.03
C LEU A 269 14.08 5.10 -9.78
N SER A 270 15.40 4.79 -9.75
CA SER A 270 16.26 5.11 -8.61
C SER A 270 16.33 6.66 -8.45
N THR A 271 16.41 7.38 -9.57
CA THR A 271 16.43 8.85 -9.57
C THR A 271 15.08 9.38 -9.06
N ILE A 272 13.97 8.78 -9.52
CA ILE A 272 12.65 9.20 -9.10
C ILE A 272 12.46 8.98 -7.61
N LEU A 273 12.93 7.82 -7.11
CA LEU A 273 12.84 7.48 -5.69
C LEU A 273 13.64 8.46 -4.84
N GLU A 274 14.88 8.78 -5.24
CA GLU A 274 15.69 9.73 -4.47
C GLU A 274 15.11 11.16 -4.50
N GLU A 275 14.45 11.54 -5.61
CA GLU A 275 13.81 12.86 -5.69
C GLU A 275 12.59 12.93 -4.74
N GLU A 276 11.85 11.82 -4.60
CA GLU A 276 10.71 11.79 -3.70
C GLU A 276 11.17 11.75 -2.23
N LYS A 277 12.23 11.00 -1.92
CA LYS A 277 12.77 10.94 -0.56
C LYS A 277 13.32 12.29 -0.08
N ALA A 278 13.77 13.15 -1.01
CA ALA A 278 14.22 14.51 -0.68
C ALA A 278 13.03 15.50 -0.77
N GLN A 279 11.80 15.02 -0.49
CA GLN A 279 10.52 15.72 -0.51
C GLN A 279 10.39 16.75 -1.63
N GLY B 3 -33.98 24.59 -2.14
CA GLY B 3 -35.37 24.78 -1.74
C GLY B 3 -35.73 23.93 -0.54
N SER B 4 -35.55 22.60 -0.65
CA SER B 4 -35.76 21.63 0.42
C SER B 4 -34.50 21.43 1.29
N THR B 5 -33.38 22.04 0.90
CA THR B 5 -32.12 21.88 1.58
C THR B 5 -31.58 23.19 2.17
N ARG B 6 -32.42 24.26 2.28
CA ARG B 6 -32.02 25.56 2.82
C ARG B 6 -31.40 25.44 4.22
N ASP B 7 -31.96 24.54 5.05
CA ASP B 7 -31.53 24.25 6.43
C ASP B 7 -30.07 23.80 6.55
N TYR B 8 -29.51 23.12 5.53
CA TYR B 8 -28.12 22.65 5.63
C TYR B 8 -27.30 22.95 4.38
N GLU B 9 -27.65 24.00 3.64
CA GLU B 9 -26.89 24.46 2.50
C GLU B 9 -25.60 25.18 2.98
N ILE B 10 -24.46 24.93 2.32
CA ILE B 10 -23.20 25.64 2.60
C ILE B 10 -22.70 26.33 1.31
N GLN B 11 -22.14 27.55 1.39
CA GLN B 11 -21.56 28.22 0.21
C GLN B 11 -20.17 27.62 -0.06
N ARG B 12 -19.85 27.36 -1.34
CA ARG B 12 -18.56 26.77 -1.71
C ARG B 12 -17.36 27.60 -1.27
N GLU B 13 -17.50 28.95 -1.20
CA GLU B 13 -16.44 29.86 -0.72
C GLU B 13 -15.98 29.50 0.70
N ARG B 14 -16.83 28.81 1.48
CA ARG B 14 -16.52 28.39 2.82
C ARG B 14 -15.80 27.06 2.92
N ILE B 15 -15.52 26.40 1.80
CA ILE B 15 -14.84 25.10 1.81
C ILE B 15 -13.52 25.22 1.02
N GLU B 16 -12.44 24.73 1.62
CA GLU B 16 -11.17 24.66 0.95
C GLU B 16 -10.97 23.16 0.66
N LEU B 17 -10.96 22.77 -0.61
CA LEU B 17 -10.78 21.39 -1.01
C LEU B 17 -9.31 20.97 -0.89
N GLY B 18 -9.09 19.80 -0.29
CA GLY B 18 -7.75 19.25 -0.09
C GLY B 18 -7.50 17.96 -0.84
N ARG B 19 -6.64 17.08 -0.29
CA ARG B 19 -6.25 15.84 -0.98
C ARG B 19 -7.39 14.81 -1.16
N CYS B 20 -7.27 13.97 -2.20
CA CYS B 20 -8.21 12.88 -2.43
C CYS B 20 -7.96 11.81 -1.36
N ILE B 21 -9.01 11.35 -0.69
CA ILE B 21 -8.91 10.29 0.32
C ILE B 21 -9.70 9.01 -0.06
N GLY B 22 -10.15 8.90 -1.29
CA GLY B 22 -10.89 7.74 -1.73
C GLY B 22 -11.77 8.00 -2.92
N GLU B 23 -12.34 6.95 -3.44
CA GLU B 23 -13.20 7.02 -4.61
C GLU B 23 -14.58 6.53 -4.23
N GLY B 24 -15.59 7.26 -4.64
CA GLY B 24 -16.97 6.85 -4.44
C GLY B 24 -17.64 6.56 -5.77
N GLN B 25 -18.85 6.04 -5.72
CA GLN B 25 -19.63 5.69 -6.91
C GLN B 25 -19.92 6.89 -7.80
N PHE B 26 -20.17 8.07 -7.21
CA PHE B 26 -20.49 9.29 -7.97
C PHE B 26 -19.29 10.18 -8.27
N GLY B 27 -18.20 9.99 -7.55
CA GLY B 27 -17.00 10.79 -7.73
C GLY B 27 -16.03 10.64 -6.58
N ASP B 28 -14.92 11.34 -6.66
CA ASP B 28 -13.88 11.27 -5.65
C ASP B 28 -14.27 11.92 -4.33
N VAL B 29 -13.71 11.40 -3.25
CA VAL B 29 -13.92 11.91 -1.91
C VAL B 29 -12.62 12.60 -1.51
N HIS B 30 -12.73 13.82 -0.98
CA HIS B 30 -11.56 14.59 -0.57
C HIS B 30 -11.61 14.95 0.90
N GLN B 31 -10.47 15.26 1.45
CA GLN B 31 -10.36 15.85 2.77
C GLN B 31 -10.42 17.38 2.51
N GLY B 32 -10.86 18.17 3.48
CA GLY B 32 -10.93 19.62 3.32
C GLY B 32 -11.14 20.39 4.60
N ILE B 33 -11.34 21.70 4.48
CA ILE B 33 -11.58 22.55 5.64
C ILE B 33 -12.85 23.34 5.43
N TYR B 34 -13.71 23.37 6.46
CA TYR B 34 -14.93 24.15 6.42
C TYR B 34 -14.73 25.37 7.34
N MET B 35 -14.69 26.56 6.75
CA MET B 35 -14.57 27.81 7.48
C MET B 35 -15.98 28.17 7.94
N SER B 36 -16.42 27.56 9.03
CA SER B 36 -17.75 27.78 9.59
C SER B 36 -17.94 29.26 9.98
N PRO B 37 -19.11 29.86 9.68
CA PRO B 37 -19.30 31.29 10.02
C PRO B 37 -19.21 31.55 11.52
N GLU B 38 -18.35 32.51 11.92
CA GLU B 38 -18.11 32.90 13.33
C GLU B 38 -17.71 31.74 14.26
N ASN B 39 -17.04 30.70 13.73
CA ASN B 39 -16.63 29.52 14.51
C ASN B 39 -15.22 29.05 14.11
N PRO B 40 -14.52 28.19 14.91
CA PRO B 40 -13.22 27.67 14.45
C PRO B 40 -13.39 26.80 13.20
N ALA B 41 -12.39 26.76 12.31
CA ALA B 41 -12.48 25.98 11.09
C ALA B 41 -12.43 24.47 11.41
N LEU B 42 -13.28 23.68 10.71
CA LEU B 42 -13.36 22.25 10.94
C LEU B 42 -12.74 21.43 9.81
N ALA B 43 -12.14 20.29 10.17
CA ALA B 43 -11.63 19.34 9.18
C ALA B 43 -12.86 18.56 8.70
N VAL B 44 -13.02 18.38 7.38
CA VAL B 44 -14.23 17.74 6.82
C VAL B 44 -13.89 16.76 5.71
N ALA B 45 -14.83 15.87 5.38
CA ALA B 45 -14.71 14.98 4.25
C ALA B 45 -15.73 15.49 3.20
N ILE B 46 -15.33 15.51 1.93
CA ILE B 46 -16.17 16.04 0.87
C ILE B 46 -16.44 14.99 -0.20
N LYS B 47 -17.71 14.58 -0.34
CA LYS B 47 -18.11 13.67 -1.39
C LYS B 47 -18.46 14.53 -2.60
N THR B 48 -17.75 14.31 -3.72
CA THR B 48 -18.03 15.09 -4.94
C THR B 48 -18.84 14.25 -5.92
N CYS B 49 -19.51 14.91 -6.85
CA CYS B 49 -20.29 14.23 -7.86
C CYS B 49 -19.86 14.71 -9.24
N LYS B 50 -19.44 13.77 -10.11
CA LYS B 50 -18.95 14.07 -11.45
C LYS B 50 -20.06 14.38 -12.46
N ASN B 51 -21.16 13.59 -12.46
CA ASN B 51 -22.22 13.79 -13.42
C ASN B 51 -23.52 14.30 -12.80
N CYS B 52 -23.43 15.16 -11.78
CA CYS B 52 -24.66 15.68 -11.16
C CYS B 52 -25.33 16.82 -11.99
N THR B 53 -24.84 17.06 -13.23
CA THR B 53 -25.50 17.94 -14.20
C THR B 53 -26.85 17.27 -14.70
N SER B 54 -26.97 15.92 -14.59
N SER B 54 -26.96 15.92 -14.59
CA SER B 54 -28.16 15.12 -14.90
CA SER B 54 -28.16 15.13 -14.90
C SER B 54 -29.08 15.21 -13.68
C SER B 54 -29.08 15.22 -13.69
N ASP B 55 -30.37 15.51 -13.89
CA ASP B 55 -31.33 15.64 -12.80
C ASP B 55 -31.49 14.39 -11.94
N SER B 56 -31.50 13.19 -12.56
CA SER B 56 -31.68 11.93 -11.84
C SER B 56 -30.44 11.52 -11.04
N VAL B 57 -29.25 11.81 -11.56
CA VAL B 57 -28.00 11.51 -10.85
C VAL B 57 -27.91 12.38 -9.58
N ARG B 58 -28.20 13.68 -9.71
CA ARG B 58 -28.18 14.66 -8.62
C ARG B 58 -29.15 14.27 -7.50
N GLU B 59 -30.36 13.81 -7.87
CA GLU B 59 -31.38 13.37 -6.92
C GLU B 59 -30.92 12.12 -6.16
N LYS B 60 -30.30 11.15 -6.82
CA LYS B 60 -29.82 9.94 -6.14
C LYS B 60 -28.68 10.32 -5.15
N PHE B 61 -27.78 11.23 -5.59
CA PHE B 61 -26.64 11.67 -4.78
C PHE B 61 -27.09 12.42 -3.53
N LEU B 62 -28.03 13.36 -3.67
CA LEU B 62 -28.54 14.11 -2.52
C LEU B 62 -29.39 13.26 -1.54
N GLN B 63 -29.95 12.13 -2.03
CA GLN B 63 -30.67 11.20 -1.15
C GLN B 63 -29.72 10.56 -0.12
N GLU B 64 -28.42 10.43 -0.47
CA GLU B 64 -27.41 9.88 0.43
C GLU B 64 -27.16 10.80 1.62
N ALA B 65 -27.26 12.14 1.41
CA ALA B 65 -27.11 13.11 2.48
C ALA B 65 -28.33 12.99 3.44
N LEU B 66 -29.54 12.83 2.89
CA LEU B 66 -30.80 12.64 3.66
C LEU B 66 -30.74 11.33 4.48
N THR B 67 -30.10 10.27 3.95
CA THR B 67 -29.96 9.02 4.67
C THR B 67 -29.15 9.23 5.95
N MET B 68 -28.02 9.98 5.86
CA MET B 68 -27.20 10.23 7.03
C MET B 68 -27.79 11.24 7.99
N ARG B 69 -28.59 12.17 7.47
CA ARG B 69 -29.22 13.21 8.26
C ARG B 69 -30.21 12.65 9.32
N GLN B 70 -30.80 11.50 9.04
CA GLN B 70 -31.73 10.87 9.98
C GLN B 70 -31.04 10.23 11.22
N PHE B 71 -29.72 10.07 11.20
CA PHE B 71 -28.98 9.47 12.32
C PHE B 71 -28.19 10.51 13.11
N ASP B 72 -28.07 10.32 14.41
CA ASP B 72 -27.33 11.23 15.27
C ASP B 72 -26.72 10.37 16.37
N HIS B 73 -25.48 9.92 16.17
CA HIS B 73 -24.80 9.07 17.14
C HIS B 73 -23.30 9.39 17.17
N PRO B 74 -22.65 9.38 18.35
CA PRO B 74 -21.21 9.70 18.40
C PRO B 74 -20.29 8.78 17.63
N HIS B 75 -20.74 7.55 17.28
CA HIS B 75 -19.88 6.63 16.53
C HIS B 75 -20.41 6.32 15.11
N ILE B 76 -21.11 7.28 14.50
CA ILE B 76 -21.60 7.22 13.12
C ILE B 76 -21.26 8.59 12.51
N VAL B 77 -20.58 8.65 11.35
CA VAL B 77 -20.24 9.94 10.73
C VAL B 77 -21.46 10.80 10.47
N LYS B 78 -21.35 12.09 10.78
CA LYS B 78 -22.44 13.03 10.60
C LYS B 78 -22.33 13.83 9.34
N LEU B 79 -23.51 14.20 8.83
CA LEU B 79 -23.60 15.15 7.74
C LEU B 79 -23.45 16.54 8.34
N ILE B 80 -22.62 17.39 7.72
CA ILE B 80 -22.43 18.81 8.06
C ILE B 80 -23.30 19.69 7.16
N GLY B 81 -23.35 19.36 5.88
CA GLY B 81 -24.16 20.11 4.93
C GLY B 81 -23.95 19.70 3.49
N VAL B 82 -24.59 20.43 2.55
CA VAL B 82 -24.52 20.13 1.13
C VAL B 82 -24.33 21.43 0.33
N ILE B 83 -23.72 21.32 -0.85
CA ILE B 83 -23.57 22.43 -1.78
C ILE B 83 -24.36 21.97 -3.02
N THR B 84 -25.52 22.60 -3.28
CA THR B 84 -26.38 22.13 -4.37
C THR B 84 -26.11 22.84 -5.72
N GLU B 85 -25.10 23.71 -5.79
CA GLU B 85 -24.68 24.35 -7.04
C GLU B 85 -23.72 23.39 -7.77
N ASN B 86 -23.58 23.54 -9.09
CA ASN B 86 -22.69 22.69 -9.88
C ASN B 86 -21.23 23.01 -9.60
N PRO B 87 -20.38 22.04 -9.17
CA PRO B 87 -20.68 20.61 -8.88
C PRO B 87 -21.24 20.36 -7.47
N VAL B 88 -22.22 19.48 -7.37
CA VAL B 88 -22.83 19.14 -6.09
C VAL B 88 -21.86 18.42 -5.15
N TRP B 89 -21.82 18.83 -3.88
CA TRP B 89 -20.94 18.27 -2.88
C TRP B 89 -21.72 17.91 -1.60
N ILE B 90 -21.31 16.85 -0.91
CA ILE B 90 -21.86 16.49 0.38
C ILE B 90 -20.72 16.64 1.39
N ILE B 91 -20.92 17.47 2.41
CA ILE B 91 -19.92 17.73 3.45
C ILE B 91 -20.22 16.85 4.69
N MET B 92 -19.29 16.01 5.04
CA MET B 92 -19.42 15.10 6.19
C MET B 92 -18.29 15.42 7.18
N GLU B 93 -18.39 14.92 8.45
CA GLU B 93 -17.27 15.09 9.37
C GLU B 93 -16.08 14.28 8.88
N LEU B 94 -14.86 14.81 9.12
CA LEU B 94 -13.68 14.04 8.75
C LEU B 94 -13.31 13.13 9.92
N CYS B 95 -12.96 11.87 9.65
CA CYS B 95 -12.38 10.99 10.67
C CYS B 95 -10.91 11.09 10.30
N THR B 96 -10.17 11.94 11.01
CA THR B 96 -8.82 12.38 10.69
C THR B 96 -7.83 11.28 10.39
N LEU B 97 -7.83 10.19 11.18
CA LEU B 97 -6.83 9.14 11.01
C LEU B 97 -7.13 8.10 9.92
N GLY B 98 -8.26 8.23 9.25
CA GLY B 98 -8.59 7.37 8.11
C GLY B 98 -9.24 6.04 8.35
N GLU B 99 -9.03 5.10 7.42
CA GLU B 99 -9.65 3.79 7.46
C GLU B 99 -9.10 2.89 8.55
N LEU B 100 -9.99 2.19 9.27
CA LEU B 100 -9.59 1.28 10.37
C LEU B 100 -8.61 0.17 9.97
N ARG B 101 -8.81 -0.54 8.83
CA ARG B 101 -7.90 -1.64 8.46
C ARG B 101 -6.46 -1.13 8.28
N SER B 102 -6.32 -0.01 7.57
CA SER B 102 -5.03 0.60 7.33
C SER B 102 -4.39 1.05 8.65
N PHE B 103 -5.19 1.66 9.55
CA PHE B 103 -4.75 2.12 10.85
C PHE B 103 -4.24 0.98 11.72
N LEU B 104 -4.93 -0.16 11.72
CA LEU B 104 -4.50 -1.32 12.51
C LEU B 104 -3.25 -1.95 11.89
N GLN B 105 -3.20 -2.02 10.55
CA GLN B 105 -2.04 -2.59 9.86
C GLN B 105 -0.73 -1.75 10.12
N VAL B 106 -0.81 -0.40 10.08
CA VAL B 106 0.34 0.51 10.30
C VAL B 106 0.76 0.51 11.75
N ARG B 107 -0.22 0.53 12.65
CA ARG B 107 0.08 0.57 14.07
C ARG B 107 0.17 -0.79 14.74
N LYS B 108 0.16 -1.88 13.98
CA LYS B 108 0.23 -3.28 14.44
C LYS B 108 1.10 -3.51 15.68
N TYR B 109 0.49 -3.99 16.79
CA TYR B 109 1.13 -4.34 18.07
C TYR B 109 1.58 -3.13 18.92
N SER B 110 1.61 -1.93 18.35
CA SER B 110 1.88 -0.73 19.15
C SER B 110 0.57 -0.27 19.86
N LEU B 111 -0.61 -0.75 19.43
CA LEU B 111 -1.87 -0.45 20.07
C LEU B 111 -2.07 -1.49 21.17
N ASP B 112 -2.40 -1.04 22.38
CA ASP B 112 -2.68 -1.98 23.45
C ASP B 112 -4.05 -2.65 23.25
N LEU B 113 -4.21 -3.82 23.87
CA LEU B 113 -5.42 -4.63 23.79
C LEU B 113 -6.66 -3.85 24.23
N ALA B 114 -6.54 -3.00 25.25
CA ALA B 114 -7.67 -2.21 25.72
C ALA B 114 -8.22 -1.28 24.60
N SER B 115 -7.34 -0.78 23.72
CA SER B 115 -7.79 0.09 22.61
C SER B 115 -8.60 -0.71 21.62
N LEU B 116 -8.16 -1.96 21.30
CA LEU B 116 -8.85 -2.84 20.36
C LEU B 116 -10.26 -3.20 20.86
N ILE B 117 -10.38 -3.54 22.16
CA ILE B 117 -11.67 -3.85 22.77
C ILE B 117 -12.55 -2.60 22.77
N LEU B 118 -11.97 -1.43 23.05
CA LEU B 118 -12.68 -0.14 23.01
C LEU B 118 -13.29 0.11 21.63
N TYR B 119 -12.53 -0.18 20.56
CA TYR B 119 -13.06 0.00 19.20
C TYR B 119 -14.28 -0.90 18.96
N ALA B 120 -14.21 -2.19 19.39
CA ALA B 120 -15.31 -3.13 19.25
C ALA B 120 -16.53 -2.65 20.06
N TYR B 121 -16.31 -2.16 21.29
CA TYR B 121 -17.37 -1.62 22.13
C TYR B 121 -18.03 -0.40 21.44
N GLN B 122 -17.23 0.55 20.91
CA GLN B 122 -17.79 1.75 20.27
C GLN B 122 -18.69 1.42 19.08
N LEU B 123 -18.25 0.46 18.27
CA LEU B 123 -19.02 0.00 17.12
CA LEU B 123 -19.01 -0.01 17.13
C LEU B 123 -20.32 -0.68 17.56
N SER B 124 -20.29 -1.43 18.68
CA SER B 124 -21.49 -2.08 19.23
C SER B 124 -22.53 -1.03 19.68
N THR B 125 -22.09 0.13 20.22
CA THR B 125 -23.04 1.19 20.59
C THR B 125 -23.71 1.80 19.33
N ALA B 126 -22.97 1.97 18.24
CA ALA B 126 -23.53 2.53 17.01
C ALA B 126 -24.51 1.51 16.36
N LEU B 127 -24.17 0.20 16.47
CA LEU B 127 -25.01 -0.84 15.92
C LEU B 127 -26.26 -1.07 16.76
N ALA B 128 -26.18 -0.89 18.11
CA ALA B 128 -27.36 -0.97 18.99
C ALA B 128 -28.28 0.21 18.65
N TYR B 129 -27.70 1.37 18.32
CA TYR B 129 -28.46 2.55 17.93
C TYR B 129 -29.19 2.29 16.60
N LEU B 130 -28.52 1.73 15.60
CA LEU B 130 -29.18 1.41 14.34
C LEU B 130 -30.30 0.38 14.54
N GLU B 131 -30.07 -0.65 15.40
CA GLU B 131 -31.08 -1.64 15.73
C GLU B 131 -32.28 -0.97 16.46
N SER B 132 -32.03 0.04 17.30
CA SER B 132 -33.11 0.79 17.97
C SER B 132 -34.02 1.54 16.95
N LYS B 133 -33.47 1.85 15.75
CA LYS B 133 -34.19 2.50 14.66
C LYS B 133 -34.77 1.47 13.66
N ARG B 134 -34.62 0.14 13.93
CA ARG B 134 -35.04 -0.98 13.09
C ARG B 134 -34.35 -0.91 11.71
N PHE B 135 -33.07 -0.54 11.71
CA PHE B 135 -32.33 -0.37 10.48
C PHE B 135 -31.37 -1.54 10.36
N VAL B 136 -31.45 -2.27 9.24
CA VAL B 136 -30.55 -3.39 8.96
C VAL B 136 -29.42 -2.86 8.06
N HIS B 137 -28.19 -2.95 8.51
CA HIS B 137 -27.01 -2.42 7.81
C HIS B 137 -26.61 -3.24 6.58
N ARG B 138 -26.38 -4.57 6.76
CA ARG B 138 -26.02 -5.53 5.69
C ARG B 138 -24.57 -5.50 5.25
N ASP B 139 -23.74 -4.54 5.72
CA ASP B 139 -22.34 -4.48 5.29
C ASP B 139 -21.42 -4.10 6.45
N ILE B 140 -21.53 -4.81 7.58
CA ILE B 140 -20.68 -4.58 8.73
C ILE B 140 -19.37 -5.30 8.51
N ALA B 141 -18.31 -4.54 8.38
CA ALA B 141 -16.95 -5.01 8.09
C ALA B 141 -15.99 -3.90 8.46
N ALA B 142 -14.75 -4.27 8.83
CA ALA B 142 -13.74 -3.26 9.20
C ALA B 142 -13.49 -2.23 8.07
N ARG B 143 -13.79 -2.61 6.80
CA ARG B 143 -13.66 -1.72 5.62
C ARG B 143 -14.55 -0.45 5.74
N ASN B 144 -15.68 -0.59 6.44
CA ASN B 144 -16.59 0.53 6.60
C ASN B 144 -16.45 1.25 7.94
N VAL B 145 -15.32 1.10 8.61
CA VAL B 145 -15.08 1.74 9.90
C VAL B 145 -13.93 2.73 9.75
N LEU B 146 -14.12 3.93 10.29
CA LEU B 146 -13.12 4.99 10.21
C LEU B 146 -12.58 5.37 11.60
N VAL B 147 -11.42 6.02 11.65
CA VAL B 147 -10.76 6.37 12.89
C VAL B 147 -10.70 7.89 13.09
N SER B 148 -11.47 8.41 14.04
N SER B 148 -11.47 8.41 14.05
CA SER B 148 -11.51 9.84 14.32
CA SER B 148 -11.49 9.85 14.34
C SER B 148 -10.32 10.27 15.21
C SER B 148 -10.26 10.25 15.16
N SER B 149 -9.82 9.38 16.07
CA SER B 149 -8.65 9.61 16.94
C SER B 149 -8.18 8.25 17.47
N ASN B 150 -7.05 8.20 18.22
CA ASN B 150 -6.57 6.95 18.81
C ASN B 150 -7.61 6.26 19.70
N ASP B 151 -8.58 7.02 20.27
CA ASP B 151 -9.59 6.37 21.11
C ASP B 151 -11.02 6.61 20.64
N CYS B 152 -11.20 6.67 19.32
CA CYS B 152 -12.52 6.85 18.75
C CYS B 152 -12.64 6.34 17.33
N VAL B 153 -13.53 5.37 17.10
CA VAL B 153 -13.83 4.87 15.75
C VAL B 153 -15.31 5.15 15.42
N LYS B 154 -15.63 5.24 14.12
CA LYS B 154 -17.01 5.48 13.71
C LYS B 154 -17.38 4.64 12.49
N LEU B 155 -18.67 4.30 12.32
CA LEU B 155 -19.18 3.69 11.10
C LEU B 155 -19.10 4.79 10.00
N GLY B 156 -18.57 4.45 8.82
CA GLY B 156 -18.46 5.40 7.72
C GLY B 156 -19.77 5.66 7.00
N ASP B 157 -19.71 6.55 5.99
CA ASP B 157 -20.86 6.95 5.17
C ASP B 157 -21.59 5.75 4.55
N PHE B 158 -22.92 5.74 4.65
CA PHE B 158 -23.72 4.61 4.17
C PHE B 158 -23.77 4.53 2.63
N GLY B 159 -23.87 5.69 1.98
CA GLY B 159 -23.83 5.78 0.52
C GLY B 159 -22.53 5.26 -0.06
N LEU B 160 -21.38 5.60 0.57
CA LEU B 160 -20.05 5.13 0.14
C LEU B 160 -19.82 3.63 0.46
N SER B 161 -20.69 3.00 1.28
CA SER B 161 -20.52 1.59 1.65
C SER B 161 -20.90 0.72 0.44
N ARG B 162 -20.07 -0.27 0.09
CA ARG B 162 -20.31 -1.06 -1.13
C ARG B 162 -21.57 -1.93 -1.17
N TYR B 163 -21.91 -2.61 -0.07
CA TYR B 163 -22.94 -3.64 -0.10
C TYR B 163 -24.17 -3.38 0.75
N MET B 164 -24.41 -2.10 1.11
CA MET B 164 -25.64 -1.80 1.85
C MET B 164 -26.85 -1.91 0.92
N GLU B 165 -28.04 -2.12 1.49
CA GLU B 165 -29.26 -2.28 0.69
C GLU B 165 -29.49 -1.15 -0.35
N ASP B 166 -29.33 0.11 0.06
CA ASP B 166 -29.60 1.26 -0.82
C ASP B 166 -28.38 1.87 -1.52
N SER B 167 -27.20 1.28 -1.33
N SER B 167 -27.19 1.29 -1.32
CA SER B 167 -25.99 1.80 -1.96
CA SER B 167 -25.98 1.85 -1.95
C SER B 167 -25.88 1.43 -3.42
C SER B 167 -25.83 1.44 -3.40
N THR B 168 -25.42 2.37 -4.26
CA THR B 168 -25.23 2.08 -5.69
C THR B 168 -23.93 1.24 -5.86
N TYR B 169 -23.80 0.51 -6.99
CA TYR B 169 -22.62 -0.31 -7.22
C TYR B 169 -21.44 0.53 -7.66
N TYR B 170 -20.23 0.03 -7.38
CA TYR B 170 -18.99 0.67 -7.84
C TYR B 170 -18.66 0.21 -9.28
N LYS B 174 -21.66 -4.39 -10.45
CA LYS B 174 -21.01 -5.53 -9.81
C LYS B 174 -22.03 -6.59 -9.42
N GLY B 175 -21.58 -7.83 -9.35
CA GLY B 175 -22.39 -8.93 -8.84
C GLY B 175 -21.94 -9.38 -7.46
N LYS B 176 -20.71 -8.96 -7.07
CA LYS B 176 -19.95 -9.23 -5.86
C LYS B 176 -20.72 -9.03 -4.55
N LEU B 177 -20.43 -9.91 -3.58
CA LEU B 177 -20.99 -9.95 -2.24
C LEU B 177 -19.85 -10.23 -1.24
N PRO B 178 -19.92 -9.69 -0.01
CA PRO B 178 -18.87 -9.98 0.97
C PRO B 178 -19.16 -11.31 1.68
N ILE B 179 -19.07 -12.45 0.94
CA ILE B 179 -19.35 -13.80 1.41
C ILE B 179 -18.68 -14.18 2.75
N LYS B 180 -17.41 -13.82 2.94
CA LYS B 180 -16.65 -14.17 4.15
C LYS B 180 -17.08 -13.47 5.44
N TRP B 181 -17.95 -12.48 5.34
CA TRP B 181 -18.52 -11.73 6.45
C TRP B 181 -20.00 -12.11 6.69
N MET B 182 -20.65 -12.74 5.70
CA MET B 182 -22.08 -13.00 5.73
C MET B 182 -22.56 -14.19 6.51
N ALA B 183 -23.73 -14.01 7.11
CA ALA B 183 -24.40 -15.06 7.85
C ALA B 183 -24.81 -16.20 6.89
N PRO B 184 -24.90 -17.45 7.37
CA PRO B 184 -25.29 -18.54 6.46
C PRO B 184 -26.63 -18.34 5.77
N GLU B 185 -27.63 -17.77 6.47
CA GLU B 185 -28.95 -17.50 5.86
C GLU B 185 -28.86 -16.39 4.81
N SER B 186 -27.86 -15.50 4.90
CA SER B 186 -27.65 -14.46 3.91
C SER B 186 -27.03 -15.06 2.63
N ILE B 187 -26.08 -15.98 2.80
CA ILE B 187 -25.43 -16.63 1.67
C ILE B 187 -26.41 -17.59 0.97
N ASN B 188 -27.12 -18.40 1.76
CA ASN B 188 -28.03 -19.40 1.23
C ASN B 188 -29.35 -18.86 0.71
N PHE B 189 -29.98 -17.91 1.44
CA PHE B 189 -31.30 -17.43 1.03
C PHE B 189 -31.44 -15.95 0.79
N ARG B 190 -30.34 -15.18 0.83
CA ARG B 190 -30.37 -13.72 0.72
C ARG B 190 -31.23 -13.12 1.84
N ARG B 191 -31.17 -13.72 3.05
CA ARG B 191 -31.93 -13.21 4.18
C ARG B 191 -31.04 -12.24 5.02
N PHE B 192 -31.44 -10.98 5.11
CA PHE B 192 -30.69 -9.97 5.87
C PHE B 192 -31.55 -9.40 6.97
N THR B 193 -31.15 -9.59 8.21
CA THR B 193 -31.90 -9.14 9.38
C THR B 193 -30.93 -8.55 10.43
N SER B 194 -31.46 -8.07 11.59
CA SER B 194 -30.63 -7.63 12.71
C SER B 194 -29.72 -8.78 13.21
N ALA B 195 -30.22 -10.03 13.13
CA ALA B 195 -29.45 -11.22 13.53
C ALA B 195 -28.29 -11.50 12.57
N SER B 196 -28.45 -11.27 11.26
CA SER B 196 -27.34 -11.47 10.31
C SER B 196 -26.30 -10.35 10.50
N ASP B 197 -26.73 -9.12 10.91
CA ASP B 197 -25.84 -8.00 11.21
C ASP B 197 -24.93 -8.38 12.41
N VAL B 198 -25.47 -9.11 13.39
CA VAL B 198 -24.73 -9.58 14.57
C VAL B 198 -23.62 -10.58 14.15
N TRP B 199 -23.91 -11.46 13.19
CA TRP B 199 -22.89 -12.38 12.66
C TRP B 199 -21.74 -11.58 12.03
N MET B 200 -22.07 -10.56 11.18
CA MET B 200 -21.08 -9.70 10.52
C MET B 200 -20.26 -8.93 11.54
N PHE B 201 -20.91 -8.42 12.61
CA PHE B 201 -20.22 -7.72 13.68
C PHE B 201 -19.19 -8.63 14.39
N GLY B 202 -19.54 -9.93 14.52
CA GLY B 202 -18.67 -10.96 15.08
C GLY B 202 -17.39 -11.06 14.27
N VAL B 203 -17.53 -11.01 12.92
CA VAL B 203 -16.42 -11.05 11.99
C VAL B 203 -15.60 -9.75 12.09
N CYS B 204 -16.28 -8.59 12.17
CA CYS B 204 -15.63 -7.29 12.31
C CYS B 204 -14.77 -7.25 13.60
N MET B 205 -15.28 -7.79 14.73
CA MET B 205 -14.52 -7.85 15.99
C MET B 205 -13.25 -8.71 15.79
N TRP B 206 -13.38 -9.83 15.06
CA TRP B 206 -12.26 -10.72 14.76
C TRP B 206 -11.21 -9.95 13.94
N GLU B 207 -11.65 -9.16 12.93
CA GLU B 207 -10.76 -8.32 12.12
C GLU B 207 -9.97 -7.34 12.98
N ILE B 208 -10.64 -6.69 13.94
CA ILE B 208 -10.01 -5.72 14.83
C ILE B 208 -8.93 -6.38 15.68
N LEU B 209 -9.27 -7.52 16.28
CA LEU B 209 -8.34 -8.27 17.12
C LEU B 209 -7.17 -8.87 16.31
N MET B 210 -7.35 -9.07 15.01
CA MET B 210 -6.35 -9.59 14.06
C MET B 210 -5.57 -8.46 13.36
N HIS B 211 -5.69 -7.19 13.83
CA HIS B 211 -5.00 -6.02 13.26
C HIS B 211 -5.25 -5.79 11.78
N GLY B 212 -6.51 -5.94 11.37
CA GLY B 212 -6.88 -5.63 9.99
C GLY B 212 -6.65 -6.73 8.98
N VAL B 213 -6.43 -7.97 9.43
CA VAL B 213 -6.32 -9.11 8.54
C VAL B 213 -7.76 -9.55 8.15
N LYS B 214 -7.93 -9.97 6.88
CA LYS B 214 -9.20 -10.44 6.35
C LYS B 214 -9.55 -11.86 6.81
N PRO B 215 -10.84 -12.13 7.04
CA PRO B 215 -11.25 -13.48 7.41
C PRO B 215 -11.18 -14.47 6.25
N PHE B 216 -10.92 -15.76 6.56
CA PHE B 216 -10.85 -16.86 5.59
C PHE B 216 -9.87 -16.63 4.44
N GLN B 217 -8.69 -16.09 4.74
CA GLN B 217 -7.67 -15.89 3.72
C GLN B 217 -7.22 -17.25 3.16
N GLY B 218 -7.09 -17.35 1.86
CA GLY B 218 -6.71 -18.61 1.22
C GLY B 218 -7.85 -19.58 1.02
N VAL B 219 -9.11 -19.12 1.25
CA VAL B 219 -10.29 -19.93 1.05
C VAL B 219 -11.13 -19.31 -0.07
N LYS B 220 -11.61 -20.11 -1.03
CA LYS B 220 -12.47 -19.57 -2.11
C LYS B 220 -13.87 -19.29 -1.57
N ASN B 221 -14.52 -18.23 -2.07
CA ASN B 221 -15.86 -17.83 -1.62
C ASN B 221 -16.88 -18.98 -1.62
N ASN B 222 -16.87 -19.80 -2.68
CA ASN B 222 -17.82 -20.91 -2.77
C ASN B 222 -17.62 -21.97 -1.71
N ASP B 223 -16.39 -22.13 -1.21
CA ASP B 223 -16.04 -23.10 -0.18
C ASP B 223 -16.39 -22.63 1.26
N VAL B 224 -16.72 -21.33 1.42
CA VAL B 224 -17.04 -20.72 2.71
C VAL B 224 -18.27 -21.33 3.36
N ILE B 225 -19.40 -21.44 2.65
CA ILE B 225 -20.63 -22.00 3.24
C ILE B 225 -20.50 -23.47 3.67
N GLY B 226 -19.73 -24.26 2.91
CA GLY B 226 -19.53 -25.66 3.26
C GLY B 226 -18.80 -25.81 4.58
N ARG B 227 -17.83 -24.93 4.83
CA ARG B 227 -17.05 -24.93 6.07
C ARG B 227 -17.89 -24.50 7.26
N ILE B 228 -18.70 -23.46 7.07
CA ILE B 228 -19.58 -22.97 8.12
C ILE B 228 -20.62 -24.03 8.50
N GLU B 229 -21.21 -24.71 7.50
CA GLU B 229 -22.19 -25.76 7.77
C GLU B 229 -21.57 -26.99 8.45
N ASN B 230 -20.26 -27.21 8.25
CA ASN B 230 -19.54 -28.26 8.97
C ASN B 230 -19.10 -27.82 10.40
N GLY B 231 -19.56 -26.63 10.85
CA GLY B 231 -19.26 -26.10 12.18
C GLY B 231 -17.97 -25.30 12.31
N GLU B 232 -17.24 -25.12 11.21
CA GLU B 232 -16.00 -24.37 11.21
C GLU B 232 -16.24 -22.86 11.51
N ARG B 233 -15.38 -22.26 12.33
CA ARG B 233 -15.46 -20.85 12.68
C ARG B 233 -14.05 -20.24 12.62
N LEU B 234 -13.96 -18.90 12.55
CA LEU B 234 -12.68 -18.17 12.56
C LEU B 234 -11.96 -18.47 13.88
N PRO B 235 -10.65 -18.73 13.82
CA PRO B 235 -9.93 -19.11 15.05
C PRO B 235 -9.73 -17.99 16.05
N MET B 236 -9.41 -18.33 17.31
CA MET B 236 -9.17 -17.32 18.33
C MET B 236 -7.93 -16.52 17.99
N PRO B 237 -8.10 -15.19 17.79
CA PRO B 237 -6.94 -14.36 17.45
C PRO B 237 -5.90 -14.35 18.56
N PRO B 238 -4.61 -14.28 18.23
CA PRO B 238 -3.58 -14.21 19.29
C PRO B 238 -3.80 -13.00 20.21
N ASN B 239 -3.71 -13.21 21.52
CA ASN B 239 -3.90 -12.18 22.54
C ASN B 239 -5.37 -11.84 22.79
N CYS B 240 -6.32 -12.46 22.09
CA CYS B 240 -7.73 -12.18 22.33
C CYS B 240 -8.13 -12.82 23.66
N PRO B 241 -8.74 -12.05 24.58
CA PRO B 241 -9.21 -12.64 25.84
C PRO B 241 -10.24 -13.73 25.57
N PRO B 242 -10.16 -14.88 26.26
CA PRO B 242 -11.12 -15.97 26.02
C PRO B 242 -12.59 -15.57 26.12
N THR B 243 -12.92 -14.65 27.05
CA THR B 243 -14.30 -14.17 27.21
C THR B 243 -14.76 -13.41 25.94
N LEU B 244 -13.83 -12.69 25.28
CA LEU B 244 -14.15 -11.96 24.04
C LEU B 244 -14.34 -12.94 22.88
N TYR B 245 -13.52 -14.03 22.83
CA TYR B 245 -13.69 -15.02 21.78
C TYR B 245 -15.00 -15.79 21.96
N SER B 246 -15.40 -16.07 23.20
CA SER B 246 -16.69 -16.72 23.49
C SER B 246 -17.84 -15.84 22.97
N LEU B 247 -17.72 -14.53 23.16
CA LEU B 247 -18.72 -13.56 22.66
C LEU B 247 -18.80 -13.59 21.13
N MET B 248 -17.65 -13.68 20.43
CA MET B 248 -17.60 -13.82 18.96
C MET B 248 -18.32 -15.12 18.53
N THR B 249 -18.04 -16.27 19.21
CA THR B 249 -18.68 -17.53 18.82
C THR B 249 -20.20 -17.47 19.03
N LYS B 250 -20.70 -16.67 19.99
CA LYS B 250 -22.14 -16.48 20.18
C LYS B 250 -22.76 -15.70 19.02
N CYS B 251 -22.01 -14.76 18.43
CA CYS B 251 -22.46 -14.04 17.22
C CYS B 251 -22.56 -15.01 16.03
N TRP B 252 -21.74 -16.09 16.05
CA TRP B 252 -21.69 -17.05 14.97
C TRP B 252 -22.52 -18.31 15.20
N ALA B 253 -23.61 -18.21 15.98
CA ALA B 253 -24.53 -19.33 16.17
C ALA B 253 -25.21 -19.55 14.80
N TYR B 254 -25.24 -20.80 14.27
CA TYR B 254 -25.82 -21.08 12.96
C TYR B 254 -27.28 -20.63 12.89
N ASP B 255 -28.05 -20.91 13.94
CA ASP B 255 -29.45 -20.49 14.04
C ASP B 255 -29.46 -19.00 14.44
N PRO B 256 -29.99 -18.11 13.59
CA PRO B 256 -29.99 -16.68 13.93
C PRO B 256 -30.77 -16.33 15.20
N SER B 257 -31.80 -17.15 15.55
CA SER B 257 -32.57 -16.89 16.76
C SER B 257 -31.75 -17.10 18.06
N ARG B 258 -30.59 -17.79 17.98
CA ARG B 258 -29.74 -18.00 19.15
C ARG B 258 -28.66 -16.89 19.33
N ARG B 259 -28.53 -15.99 18.37
CA ARG B 259 -27.54 -14.92 18.43
C ARG B 259 -27.98 -13.80 19.37
N PRO B 260 -27.06 -13.19 20.13
CA PRO B 260 -27.47 -12.05 20.97
C PRO B 260 -27.84 -10.82 20.12
N ARG B 261 -28.52 -9.84 20.71
CA ARG B 261 -28.78 -8.55 20.06
C ARG B 261 -27.66 -7.57 20.48
N PHE B 262 -27.60 -6.39 19.83
CA PHE B 262 -26.52 -5.45 20.04
C PHE B 262 -26.45 -4.86 21.46
N THR B 263 -27.59 -4.69 22.18
CA THR B 263 -27.52 -4.14 23.54
C THR B 263 -26.79 -5.12 24.51
N GLU B 264 -26.98 -6.43 24.33
CA GLU B 264 -26.28 -7.42 25.14
C GLU B 264 -24.78 -7.40 24.78
N LEU B 265 -24.45 -7.31 23.47
CA LEU B 265 -23.05 -7.28 23.04
C LEU B 265 -22.34 -6.06 23.63
N LYS B 266 -23.02 -4.90 23.64
CA LYS B 266 -22.53 -3.67 24.21
C LYS B 266 -22.20 -3.85 25.70
N ALA B 267 -23.18 -4.38 26.49
CA ALA B 267 -23.01 -4.64 27.92
C ALA B 267 -21.83 -5.59 28.21
N GLN B 268 -21.71 -6.68 27.43
CA GLN B 268 -20.66 -7.64 27.65
C GLN B 268 -19.28 -7.11 27.26
N LEU B 269 -19.24 -6.28 26.22
CA LEU B 269 -17.98 -5.68 25.78
C LEU B 269 -17.49 -4.66 26.80
N SER B 270 -18.40 -3.95 27.48
CA SER B 270 -18.05 -2.99 28.53
C SER B 270 -17.37 -3.75 29.71
N THR B 271 -17.91 -4.91 30.08
CA THR B 271 -17.33 -5.76 31.11
C THR B 271 -15.93 -6.27 30.68
N ILE B 272 -15.79 -6.76 29.45
CA ILE B 272 -14.49 -7.25 28.97
C ILE B 272 -13.44 -6.09 28.96
N LEU B 273 -13.88 -4.86 28.57
CA LEU B 273 -13.02 -3.68 28.54
C LEU B 273 -12.57 -3.29 29.96
N GLU B 274 -13.50 -3.26 30.92
CA GLU B 274 -13.14 -2.90 32.30
C GLU B 274 -12.23 -3.96 32.96
N GLU B 275 -12.40 -5.23 32.60
CA GLU B 275 -11.54 -6.28 33.13
C GLU B 275 -10.11 -6.14 32.57
N GLU B 276 -9.97 -5.73 31.30
CA GLU B 276 -8.67 -5.54 30.69
C GLU B 276 -7.97 -4.28 31.25
N LYS B 277 -8.73 -3.19 31.45
CA LYS B 277 -8.18 -1.95 32.01
C LYS B 277 -7.69 -2.14 33.47
N ALA B 278 -8.27 -3.09 34.20
CA ALA B 278 -7.84 -3.39 35.57
C ALA B 278 -6.78 -4.50 35.57
N GLN B 279 -5.82 -4.44 34.65
CA GLN B 279 -4.77 -5.44 34.55
C GLN B 279 -3.45 -4.79 34.15
N THR C 5 5.18 64.57 -27.91
CA THR C 5 5.56 65.16 -29.19
C THR C 5 5.46 64.15 -30.35
N ARG C 6 5.59 62.84 -30.08
CA ARG C 6 5.51 61.84 -31.15
C ARG C 6 4.17 61.87 -31.86
N ASP C 7 4.21 61.88 -33.20
CA ASP C 7 3.03 61.94 -34.01
C ASP C 7 2.65 60.53 -34.43
N TYR C 8 1.46 60.06 -34.00
CA TYR C 8 0.95 58.73 -34.35
C TYR C 8 -0.01 58.75 -35.55
N GLU C 9 -0.37 59.93 -36.05
CA GLU C 9 -1.30 60.04 -37.16
C GLU C 9 -0.64 59.60 -38.48
N ILE C 10 -1.31 58.73 -39.23
CA ILE C 10 -0.79 58.26 -40.51
C ILE C 10 -1.75 58.73 -41.63
N GLN C 11 -1.21 59.19 -42.79
CA GLN C 11 -2.04 59.57 -43.93
C GLN C 11 -2.53 58.28 -44.61
N ARG C 12 -3.82 58.18 -44.94
CA ARG C 12 -4.38 56.99 -45.59
C ARG C 12 -3.67 56.65 -46.92
N GLU C 13 -3.16 57.66 -47.64
CA GLU C 13 -2.45 57.42 -48.91
C GLU C 13 -1.17 56.61 -48.74
N ARG C 14 -0.64 56.50 -47.51
CA ARG C 14 0.55 55.68 -47.24
C ARG C 14 0.23 54.25 -46.84
N ILE C 15 -1.04 53.84 -46.93
CA ILE C 15 -1.43 52.49 -46.61
C ILE C 15 -1.98 51.83 -47.86
N GLU C 16 -1.50 50.64 -48.16
CA GLU C 16 -2.05 49.83 -49.23
C GLU C 16 -2.79 48.70 -48.55
N LEU C 17 -4.13 48.71 -48.62
CA LEU C 17 -4.96 47.70 -47.99
C LEU C 17 -4.92 46.39 -48.78
N GLY C 18 -4.71 45.29 -48.09
CA GLY C 18 -4.66 43.97 -48.73
C GLY C 18 -5.78 43.04 -48.28
N ARG C 19 -5.52 41.72 -48.25
CA ARG C 19 -6.53 40.72 -47.90
C ARG C 19 -7.05 40.78 -46.46
N CYS C 20 -8.31 40.35 -46.27
CA CYS C 20 -8.90 40.28 -44.94
C CYS C 20 -8.24 39.10 -44.22
N ILE C 21 -7.72 39.33 -43.00
CA ILE C 21 -7.08 38.29 -42.19
C ILE C 21 -7.87 37.95 -40.92
N GLY C 22 -9.09 38.47 -40.79
CA GLY C 22 -9.89 38.21 -39.62
C GLY C 22 -10.97 39.24 -39.39
N GLU C 23 -11.78 38.96 -38.41
CA GLU C 23 -12.91 39.83 -38.07
C GLU C 23 -12.73 40.25 -36.63
N GLY C 24 -12.94 41.51 -36.36
CA GLY C 24 -12.93 42.02 -35.00
C GLY C 24 -14.31 42.51 -34.56
N GLN C 25 -14.45 42.91 -33.28
CA GLN C 25 -15.70 43.46 -32.70
C GLN C 25 -16.17 44.71 -33.45
N PHE C 26 -15.24 45.55 -33.90
CA PHE C 26 -15.58 46.79 -34.58
C PHE C 26 -15.57 46.72 -36.11
N GLY C 27 -14.94 45.70 -36.68
CA GLY C 27 -14.87 45.58 -38.13
C GLY C 27 -13.80 44.62 -38.58
N ASP C 28 -13.64 44.48 -39.88
CA ASP C 28 -12.65 43.58 -40.46
C ASP C 28 -11.22 44.02 -40.27
N VAL C 29 -10.32 43.05 -40.14
CA VAL C 29 -8.89 43.28 -40.00
C VAL C 29 -8.24 42.83 -41.31
N HIS C 30 -7.37 43.66 -41.85
CA HIS C 30 -6.70 43.35 -43.11
C HIS C 30 -5.19 43.31 -42.96
N GLN C 31 -4.52 42.61 -43.85
CA GLN C 31 -3.08 42.63 -44.01
C GLN C 31 -2.83 43.82 -44.98
N GLY C 32 -1.67 44.45 -44.92
CA GLY C 32 -1.36 45.56 -45.81
C GLY C 32 0.08 45.99 -45.78
N ILE C 33 0.36 47.12 -46.43
CA ILE C 33 1.69 47.70 -46.47
C ILE C 33 1.64 49.17 -46.04
N TYR C 34 2.57 49.58 -45.17
CA TYR C 34 2.69 50.96 -44.76
C TYR C 34 3.96 51.52 -45.42
N MET C 35 3.78 52.48 -46.35
CA MET C 35 4.86 53.16 -47.03
C MET C 35 5.33 54.27 -46.09
N SER C 36 6.15 53.91 -45.13
N SER C 36 6.16 53.91 -45.13
CA SER C 36 6.70 54.82 -44.13
CA SER C 36 6.70 54.82 -44.13
C SER C 36 7.55 55.92 -44.79
C SER C 36 7.54 55.92 -44.80
N PRO C 37 7.40 57.17 -44.35
CA PRO C 37 8.17 58.27 -44.97
C PRO C 37 9.68 58.09 -44.85
N GLU C 38 10.38 58.14 -46.00
CA GLU C 38 11.84 57.99 -46.13
C GLU C 38 12.39 56.68 -45.51
N ASN C 39 11.59 55.60 -45.49
CA ASN C 39 12.01 54.31 -44.92
C ASN C 39 11.52 53.12 -45.77
N PRO C 40 12.05 51.87 -45.58
CA PRO C 40 11.49 50.72 -46.32
C PRO C 40 10.05 50.47 -45.89
N ALA C 41 9.21 49.98 -46.82
CA ALA C 41 7.81 49.73 -46.55
C ALA C 41 7.64 48.56 -45.58
N LEU C 42 6.71 48.68 -44.63
CA LEU C 42 6.47 47.66 -43.62
C LEU C 42 5.20 46.87 -43.85
N ALA C 43 5.26 45.57 -43.57
CA ALA C 43 4.08 44.69 -43.64
C ALA C 43 3.30 45.02 -42.35
N VAL C 44 2.01 45.32 -42.46
CA VAL C 44 1.21 45.71 -41.31
C VAL C 44 -0.16 45.01 -41.29
N ALA C 45 -0.87 45.10 -40.14
CA ALA C 45 -2.25 44.66 -39.94
C ALA C 45 -3.07 45.92 -39.71
N ILE C 46 -4.22 46.00 -40.33
CA ILE C 46 -5.09 47.18 -40.27
C ILE C 46 -6.43 46.83 -39.66
N LYS C 47 -6.71 47.40 -38.49
CA LYS C 47 -7.99 47.20 -37.83
C LYS C 47 -8.91 48.30 -38.36
N THR C 48 -10.03 47.92 -38.97
CA THR C 48 -10.99 48.91 -39.46
C THR C 48 -12.19 48.98 -38.51
N CYS C 49 -12.94 50.08 -38.59
CA CYS C 49 -14.12 50.26 -37.76
C CYS C 49 -15.36 50.60 -38.61
N LYS C 50 -16.43 49.79 -38.51
CA LYS C 50 -17.69 49.95 -39.25
C LYS C 50 -18.60 51.05 -38.69
N ASN C 51 -18.78 51.10 -37.35
CA ASN C 51 -19.68 52.08 -36.75
C ASN C 51 -18.97 53.20 -35.99
N CYS C 52 -17.78 53.61 -36.45
CA CYS C 52 -17.07 54.69 -35.77
C CYS C 52 -17.60 56.09 -36.11
N THR C 53 -18.81 56.16 -36.73
CA THR C 53 -19.48 57.46 -36.98
C THR C 53 -20.01 58.02 -35.65
N SER C 54 -20.33 57.16 -34.67
CA SER C 54 -20.77 57.59 -33.35
C SER C 54 -19.51 57.88 -32.54
N ASP C 55 -19.46 59.04 -31.88
CA ASP C 55 -18.33 59.47 -31.07
C ASP C 55 -17.90 58.48 -30.02
N SER C 56 -18.87 57.84 -29.31
CA SER C 56 -18.55 56.87 -28.27
C SER C 56 -17.87 55.63 -28.82
N VAL C 57 -18.28 55.16 -30.00
CA VAL C 57 -17.69 53.97 -30.62
C VAL C 57 -16.27 54.28 -31.10
N ARG C 58 -16.09 55.46 -31.71
CA ARG C 58 -14.80 55.93 -32.19
C ARG C 58 -13.81 56.04 -31.03
N GLU C 59 -14.25 56.58 -29.90
CA GLU C 59 -13.47 56.72 -28.68
C GLU C 59 -13.09 55.35 -28.10
N LYS C 60 -14.04 54.39 -28.00
CA LYS C 60 -13.76 53.03 -27.51
C LYS C 60 -12.74 52.35 -28.43
N PHE C 61 -12.91 52.50 -29.76
CA PHE C 61 -12.03 51.90 -30.76
C PHE C 61 -10.61 52.46 -30.64
N LEU C 62 -10.49 53.79 -30.58
CA LEU C 62 -9.19 54.44 -30.45
C LEU C 62 -8.53 54.18 -29.10
N GLN C 63 -9.32 53.87 -28.04
CA GLN C 63 -8.73 53.51 -26.73
C GLN C 63 -7.93 52.21 -26.84
N GLU C 64 -8.32 51.30 -27.75
CA GLU C 64 -7.60 50.03 -27.97
C GLU C 64 -6.20 50.31 -28.53
N ALA C 65 -6.03 51.33 -29.38
CA ALA C 65 -4.72 51.71 -29.90
C ALA C 65 -3.87 52.31 -28.77
N LEU C 66 -4.47 53.13 -27.90
CA LEU C 66 -3.80 53.75 -26.75
C LEU C 66 -3.34 52.69 -25.74
N THR C 67 -4.11 51.61 -25.59
CA THR C 67 -3.75 50.48 -24.73
C THR C 67 -2.46 49.85 -25.24
N MET C 68 -2.34 49.62 -26.57
CA MET C 68 -1.12 49.01 -27.13
C MET C 68 0.06 49.98 -27.19
N ARG C 69 -0.19 51.31 -27.35
CA ARG C 69 0.84 52.34 -27.43
C ARG C 69 1.75 52.35 -26.18
N GLN C 70 1.16 52.07 -25.02
CA GLN C 70 1.91 52.07 -23.76
C GLN C 70 2.92 50.91 -23.61
N PHE C 71 2.85 49.88 -24.47
CA PHE C 71 3.75 48.75 -24.36
C PHE C 71 4.84 48.76 -25.42
N ASP C 72 6.03 48.29 -25.04
CA ASP C 72 7.15 48.20 -25.96
C ASP C 72 7.91 46.93 -25.58
N HIS C 73 7.57 45.81 -26.22
CA HIS C 73 8.18 44.52 -25.88
C HIS C 73 8.34 43.68 -27.15
N PRO C 74 9.45 42.96 -27.30
CA PRO C 74 9.66 42.15 -28.52
C PRO C 74 8.62 41.06 -28.78
N HIS C 75 7.86 40.64 -27.76
CA HIS C 75 6.86 39.58 -27.95
C HIS C 75 5.42 40.04 -27.73
N ILE C 76 5.16 41.34 -28.02
CA ILE C 76 3.82 41.91 -28.00
C ILE C 76 3.71 42.77 -29.28
N VAL C 77 2.65 42.59 -30.11
CA VAL C 77 2.49 43.40 -31.33
C VAL C 77 2.50 44.91 -31.03
N LYS C 78 3.22 45.66 -31.86
CA LYS C 78 3.36 47.09 -31.70
C LYS C 78 2.36 47.90 -32.47
N LEU C 79 1.98 49.05 -31.89
CA LEU C 79 1.14 50.01 -32.58
C LEU C 79 2.07 50.81 -33.49
N ILE C 80 1.69 50.96 -34.76
CA ILE C 80 2.44 51.76 -35.73
C ILE C 80 1.84 53.18 -35.79
N GLY C 81 0.51 53.27 -35.81
CA GLY C 81 -0.19 54.54 -35.82
C GLY C 81 -1.68 54.41 -36.02
N VAL C 82 -2.36 55.55 -36.19
CA VAL C 82 -3.80 55.58 -36.36
C VAL C 82 -4.21 56.58 -37.47
N ILE C 83 -5.39 56.37 -38.03
CA ILE C 83 -5.98 57.30 -38.98
C ILE C 83 -7.28 57.70 -38.28
N THR C 84 -7.35 58.95 -37.77
CA THR C 84 -8.50 59.42 -37.00
C THR C 84 -9.60 60.11 -37.84
N GLU C 85 -9.46 60.10 -39.16
CA GLU C 85 -10.50 60.62 -40.07
C GLU C 85 -11.37 59.41 -40.48
N ASN C 86 -12.71 59.57 -40.49
CA ASN C 86 -13.60 58.47 -40.87
C ASN C 86 -13.32 57.96 -42.31
N PRO C 87 -13.20 56.63 -42.55
CA PRO C 87 -13.29 55.54 -41.57
C PRO C 87 -11.98 55.34 -40.78
N VAL C 88 -12.09 55.38 -39.46
CA VAL C 88 -10.99 55.25 -38.52
C VAL C 88 -10.29 53.87 -38.61
N TRP C 89 -8.96 53.90 -38.69
CA TRP C 89 -8.14 52.70 -38.81
C TRP C 89 -7.03 52.69 -37.74
N ILE C 90 -6.67 51.49 -37.26
CA ILE C 90 -5.55 51.33 -36.35
C ILE C 90 -4.52 50.48 -37.12
N ILE C 91 -3.28 50.97 -37.20
CA ILE C 91 -2.22 50.27 -37.92
C ILE C 91 -1.29 49.60 -36.92
N MET C 92 -1.19 48.27 -36.99
CA MET C 92 -0.36 47.47 -36.10
C MET C 92 0.73 46.76 -36.90
N GLU C 93 1.81 46.30 -36.25
CA GLU C 93 2.82 45.49 -36.94
C GLU C 93 2.16 44.14 -37.35
N LEU C 94 2.57 43.58 -38.50
CA LEU C 94 2.02 42.30 -38.94
C LEU C 94 2.92 41.19 -38.47
N CYS C 95 2.33 40.08 -38.02
CA CYS C 95 3.07 38.87 -37.69
C CYS C 95 2.82 38.03 -38.92
N THR C 96 3.81 37.98 -39.81
CA THR C 96 3.68 37.44 -41.17
C THR C 96 3.07 36.06 -41.30
N LEU C 97 3.45 35.10 -40.42
CA LEU C 97 3.01 33.72 -40.53
C LEU C 97 1.60 33.44 -39.94
N GLY C 98 0.95 34.44 -39.37
CA GLY C 98 -0.40 34.28 -38.87
C GLY C 98 -0.61 33.67 -37.49
N GLU C 99 -1.75 33.02 -37.33
CA GLU C 99 -2.20 32.48 -36.06
C GLU C 99 -1.43 31.23 -35.57
N LEU C 100 -1.05 31.23 -34.28
CA LEU C 100 -0.28 30.13 -33.66
C LEU C 100 -0.97 28.74 -33.74
N ARG C 101 -2.28 28.65 -33.48
CA ARG C 101 -2.95 27.34 -33.52
C ARG C 101 -2.87 26.70 -34.89
N SER C 102 -3.18 27.47 -35.98
CA SER C 102 -3.09 26.99 -37.36
C SER C 102 -1.66 26.53 -37.65
N PHE C 103 -0.68 27.35 -37.23
CA PHE C 103 0.75 27.10 -37.43
C PHE C 103 1.15 25.77 -36.76
N LEU C 104 0.67 25.51 -35.54
CA LEU C 104 0.99 24.26 -34.83
C LEU C 104 0.25 23.05 -35.38
N GLN C 105 -1.02 23.24 -35.76
CA GLN C 105 -1.88 22.17 -36.28
C GLN C 105 -1.39 21.49 -37.52
N VAL C 106 -1.08 22.26 -38.54
CA VAL C 106 -0.60 21.67 -39.79
C VAL C 106 0.83 21.15 -39.64
N ARG C 107 1.59 21.59 -38.62
CA ARG C 107 2.94 21.10 -38.39
C ARG C 107 3.01 19.98 -37.33
N LYS C 108 1.86 19.56 -36.76
CA LYS C 108 1.67 18.52 -35.75
C LYS C 108 2.69 17.38 -35.81
N TYR C 109 3.50 17.24 -34.74
CA TYR C 109 4.58 16.25 -34.54
C TYR C 109 5.85 16.52 -35.37
N SER C 110 5.85 17.57 -36.21
CA SER C 110 6.99 17.92 -37.07
C SER C 110 7.86 19.09 -36.53
N LEU C 111 7.33 19.90 -35.62
CA LEU C 111 8.12 20.97 -34.98
C LEU C 111 8.81 20.30 -33.80
N ASP C 112 10.11 20.57 -33.58
CA ASP C 112 10.79 19.97 -32.44
C ASP C 112 10.31 20.59 -31.11
N LEU C 113 10.46 19.80 -30.04
CA LEU C 113 10.06 20.17 -28.70
C LEU C 113 10.70 21.46 -28.24
N ALA C 114 11.97 21.71 -28.60
CA ALA C 114 12.65 22.93 -28.21
C ALA C 114 11.96 24.20 -28.78
N SER C 115 11.34 24.11 -29.99
CA SER C 115 10.62 25.24 -30.57
C SER C 115 9.37 25.54 -29.75
N LEU C 116 8.64 24.49 -29.33
CA LEU C 116 7.42 24.62 -28.54
C LEU C 116 7.70 25.27 -27.18
N ILE C 117 8.76 24.82 -26.49
CA ILE C 117 9.16 25.39 -25.20
C ILE C 117 9.61 26.85 -25.43
N LEU C 118 10.34 27.15 -26.51
CA LEU C 118 10.76 28.51 -26.85
C LEU C 118 9.54 29.44 -26.97
N TYR C 119 8.46 28.97 -27.63
CA TYR C 119 7.26 29.78 -27.78
C TYR C 119 6.65 30.10 -26.39
N ALA C 120 6.59 29.11 -25.50
CA ALA C 120 6.07 29.29 -24.13
C ALA C 120 6.97 30.27 -23.35
N TYR C 121 8.29 30.14 -23.48
CA TYR C 121 9.23 31.04 -22.81
C TYR C 121 9.03 32.51 -23.32
N GLN C 122 8.91 32.69 -24.64
CA GLN C 122 8.74 34.04 -25.22
C GLN C 122 7.49 34.73 -24.70
N LEU C 123 6.38 33.99 -24.61
CA LEU C 123 5.12 34.52 -24.08
C LEU C 123 5.26 34.86 -22.58
N SER C 124 6.00 34.03 -21.81
CA SER C 124 6.21 34.31 -20.40
C SER C 124 7.01 35.61 -20.17
N THR C 125 7.96 35.96 -21.07
CA THR C 125 8.67 37.25 -20.92
C THR C 125 7.73 38.42 -21.17
N ALA C 126 6.82 38.29 -22.16
CA ALA C 126 5.84 39.35 -22.47
C ALA C 126 4.87 39.51 -21.29
N LEU C 127 4.46 38.39 -20.66
CA LEU C 127 3.53 38.40 -19.54
C LEU C 127 4.19 38.89 -18.24
N ALA C 128 5.49 38.59 -18.03
CA ALA C 128 6.24 39.17 -16.90
C ALA C 128 6.40 40.68 -17.09
N TYR C 129 6.58 41.13 -18.34
CA TYR C 129 6.67 42.55 -18.67
C TYR C 129 5.33 43.23 -18.32
N LEU C 130 4.19 42.61 -18.69
CA LEU C 130 2.86 43.14 -18.38
C LEU C 130 2.57 43.16 -16.87
N GLU C 131 2.93 42.09 -16.14
CA GLU C 131 2.76 42.03 -14.69
C GLU C 131 3.61 43.13 -13.99
N SER C 132 4.80 43.46 -14.51
CA SER C 132 5.63 44.53 -13.96
C SER C 132 4.96 45.93 -14.18
N LYS C 133 4.15 46.09 -15.23
CA LYS C 133 3.40 47.33 -15.48
C LYS C 133 2.01 47.32 -14.79
N ARG C 134 1.69 46.24 -14.02
CA ARG C 134 0.42 46.01 -13.35
C ARG C 134 -0.73 45.98 -14.34
N PHE C 135 -0.50 45.35 -15.49
CA PHE C 135 -1.52 45.24 -16.52
C PHE C 135 -2.08 43.83 -16.58
N VAL C 136 -3.41 43.69 -16.47
CA VAL C 136 -4.08 42.40 -16.51
C VAL C 136 -4.65 42.17 -17.91
N HIS C 137 -4.19 41.10 -18.59
CA HIS C 137 -4.60 40.77 -19.97
C HIS C 137 -6.07 40.26 -20.06
N ARG C 138 -6.45 39.22 -19.25
CA ARG C 138 -7.79 38.60 -19.15
C ARG C 138 -8.13 37.61 -20.24
N ASP C 139 -7.31 37.52 -21.29
CA ASP C 139 -7.67 36.74 -22.45
C ASP C 139 -6.50 35.94 -23.03
N ILE C 140 -5.76 35.26 -22.17
CA ILE C 140 -4.60 34.49 -22.61
C ILE C 140 -5.06 33.14 -23.09
N ALA C 141 -4.79 32.84 -24.35
CA ALA C 141 -5.15 31.62 -25.05
C ALA C 141 -4.32 31.53 -26.32
N ALA C 142 -4.05 30.32 -26.85
CA ALA C 142 -3.27 30.18 -28.09
C ALA C 142 -3.90 30.90 -29.27
N ARG C 143 -5.24 31.05 -29.27
CA ARG C 143 -5.93 31.79 -30.34
C ARG C 143 -5.52 33.27 -30.42
N ASN C 144 -4.95 33.83 -29.34
CA ASN C 144 -4.51 35.23 -29.32
C ASN C 144 -2.99 35.37 -29.38
N VAL C 145 -2.31 34.34 -29.94
CA VAL C 145 -0.88 34.34 -30.13
C VAL C 145 -0.60 34.26 -31.64
N LEU C 146 0.32 35.10 -32.11
CA LEU C 146 0.65 35.18 -33.52
C LEU C 146 2.09 34.78 -33.77
N VAL C 147 2.41 34.42 -35.01
CA VAL C 147 3.73 33.95 -35.40
C VAL C 147 4.41 34.95 -36.35
N SER C 148 5.44 35.65 -35.87
CA SER C 148 6.12 36.61 -36.74
C SER C 148 7.22 35.93 -37.59
N SER C 149 7.78 34.80 -37.09
CA SER C 149 8.75 33.97 -37.78
C SER C 149 8.80 32.58 -37.11
N ASN C 150 9.53 31.61 -37.69
CA ASN C 150 9.64 30.27 -37.12
C ASN C 150 10.17 30.26 -35.66
N ASP C 151 10.94 31.29 -35.27
CA ASP C 151 11.47 31.34 -33.91
C ASP C 151 11.04 32.57 -33.14
N CYS C 152 9.83 33.06 -33.43
CA CYS C 152 9.30 34.21 -32.73
C CYS C 152 7.78 34.25 -32.74
N VAL C 153 7.19 34.21 -31.54
CA VAL C 153 5.75 34.37 -31.40
C VAL C 153 5.48 35.65 -30.59
N LYS C 154 4.30 36.22 -30.77
CA LYS C 154 3.94 37.43 -30.06
C LYS C 154 2.48 37.37 -29.58
N LEU C 155 2.18 38.08 -28.49
CA LEU C 155 0.81 38.24 -28.04
C LEU C 155 0.16 39.17 -29.08
N GLY C 156 -1.03 38.80 -29.56
CA GLY C 156 -1.73 39.62 -30.54
C GLY C 156 -2.37 40.85 -29.92
N ASP C 157 -3.09 41.63 -30.74
CA ASP C 157 -3.75 42.84 -30.28
C ASP C 157 -4.71 42.54 -29.09
N PHE C 158 -4.64 43.37 -28.03
CA PHE C 158 -5.43 43.15 -26.82
C PHE C 158 -6.92 43.33 -27.04
N GLY C 159 -7.27 44.36 -27.80
CA GLY C 159 -8.65 44.66 -28.18
C GLY C 159 -9.28 43.53 -28.97
N LEU C 160 -8.53 42.97 -29.96
CA LEU C 160 -9.01 41.84 -30.76
C LEU C 160 -9.06 40.50 -29.96
N SER C 161 -8.30 40.42 -28.85
CA SER C 161 -8.23 39.23 -27.98
C SER C 161 -9.51 38.94 -27.22
N ARG C 162 -10.50 39.87 -27.21
CA ARG C 162 -11.75 39.61 -26.48
C ARG C 162 -12.61 38.59 -27.21
N TYR C 163 -13.08 37.57 -26.49
CA TYR C 163 -13.93 36.49 -27.01
C TYR C 163 -15.28 37.13 -27.39
N MET C 164 -15.53 37.32 -28.68
CA MET C 164 -16.76 38.00 -29.13
C MET C 164 -17.73 37.10 -29.90
N LYS C 176 -19.85 34.61 -25.04
CA LYS C 176 -18.71 35.51 -24.82
C LYS C 176 -17.73 34.97 -23.80
N LEU C 177 -18.09 33.95 -22.97
CA LEU C 177 -17.11 33.50 -21.97
C LEU C 177 -16.26 32.28 -22.36
N PRO C 178 -14.94 32.47 -22.36
CA PRO C 178 -14.03 31.36 -22.67
C PRO C 178 -13.78 30.50 -21.41
N ILE C 179 -14.87 29.82 -20.92
CA ILE C 179 -14.87 28.99 -19.71
C ILE C 179 -13.69 28.01 -19.60
N LYS C 180 -13.32 27.32 -20.69
CA LYS C 180 -12.28 26.29 -20.70
C LYS C 180 -10.86 26.81 -20.43
N TRP C 181 -10.66 28.14 -20.46
CA TRP C 181 -9.38 28.84 -20.22
C TRP C 181 -9.38 29.59 -18.88
N MET C 182 -10.58 29.89 -18.33
CA MET C 182 -10.72 30.77 -17.20
C MET C 182 -10.41 30.21 -15.84
N ALA C 183 -9.76 31.04 -15.00
CA ALA C 183 -9.46 30.68 -13.62
C ALA C 183 -10.82 30.57 -12.87
N PRO C 184 -10.90 29.75 -11.80
CA PRO C 184 -12.19 29.60 -11.09
C PRO C 184 -12.75 30.89 -10.51
N GLU C 185 -11.88 31.77 -9.95
CA GLU C 185 -12.33 33.05 -9.38
C GLU C 185 -12.87 34.00 -10.47
N SER C 186 -12.42 33.82 -11.74
CA SER C 186 -12.94 34.63 -12.86
C SER C 186 -14.35 34.17 -13.23
N ILE C 187 -14.62 32.86 -13.15
CA ILE C 187 -15.96 32.31 -13.44
C ILE C 187 -16.92 32.61 -12.30
N ASN C 188 -16.49 32.35 -11.08
CA ASN C 188 -17.33 32.49 -9.90
C ASN C 188 -17.57 33.92 -9.44
N PHE C 189 -16.51 34.76 -9.45
CA PHE C 189 -16.66 36.12 -8.92
C PHE C 189 -16.35 37.24 -9.92
N ARG C 190 -16.18 36.92 -11.21
CA ARG C 190 -15.80 37.88 -12.25
C ARG C 190 -14.48 38.59 -11.93
N ARG C 191 -13.60 37.91 -11.19
CA ARG C 191 -12.33 38.44 -10.74
C ARG C 191 -11.20 38.13 -11.71
N PHE C 192 -10.59 39.18 -12.23
CA PHE C 192 -9.49 39.04 -13.16
C PHE C 192 -8.29 39.76 -12.59
N THR C 193 -7.19 39.02 -12.35
CA THR C 193 -5.95 39.59 -11.78
C THR C 193 -4.73 39.02 -12.55
N SER C 194 -3.48 39.41 -12.17
CA SER C 194 -2.29 38.80 -12.73
C SER C 194 -2.25 37.28 -12.40
N ALA C 195 -2.82 36.87 -11.26
CA ALA C 195 -2.87 35.45 -10.87
C ALA C 195 -3.84 34.66 -11.75
N SER C 196 -4.96 35.28 -12.19
CA SER C 196 -5.87 34.57 -13.11
C SER C 196 -5.23 34.49 -14.51
N ASP C 197 -4.39 35.47 -14.89
CA ASP C 197 -3.66 35.45 -16.16
C ASP C 197 -2.68 34.26 -16.16
N VAL C 198 -2.08 33.94 -14.99
CA VAL C 198 -1.17 32.79 -14.81
C VAL C 198 -1.92 31.46 -15.07
N TRP C 199 -3.17 31.32 -14.58
CA TRP C 199 -3.98 30.14 -14.84
C TRP C 199 -4.20 29.98 -16.37
N MET C 200 -4.61 31.07 -17.05
CA MET C 200 -4.87 31.06 -18.49
C MET C 200 -3.59 30.74 -19.27
N PHE C 201 -2.43 31.28 -18.83
CA PHE C 201 -1.13 31.00 -19.46
C PHE C 201 -0.79 29.50 -19.32
N GLY C 202 -1.19 28.87 -18.21
CA GLY C 202 -1.00 27.42 -18.01
C GLY C 202 -1.78 26.65 -19.06
N VAL C 203 -3.02 27.12 -19.38
CA VAL C 203 -3.84 26.50 -20.44
C VAL C 203 -3.20 26.72 -21.81
N CYS C 204 -2.70 27.92 -22.04
CA CYS C 204 -2.02 28.28 -23.29
C CYS C 204 -0.77 27.40 -23.53
N MET C 205 0.03 27.16 -22.49
CA MET C 205 1.20 26.27 -22.58
C MET C 205 0.77 24.84 -22.93
N TRP C 206 -0.34 24.38 -22.35
CA TRP C 206 -0.89 23.05 -22.64
C TRP C 206 -1.29 22.98 -24.13
N GLU C 207 -1.94 24.04 -24.64
CA GLU C 207 -2.34 24.10 -26.06
C GLU C 207 -1.11 24.00 -26.97
N ILE C 208 -0.01 24.71 -26.64
CA ILE C 208 1.22 24.70 -27.43
C ILE C 208 1.81 23.30 -27.45
N LEU C 209 1.91 22.65 -26.29
CA LEU C 209 2.45 21.30 -26.19
C LEU C 209 1.53 20.24 -26.82
N MET C 210 0.24 20.55 -26.99
CA MET C 210 -0.75 19.70 -27.65
C MET C 210 -0.89 20.02 -29.15
N HIS C 211 0.04 20.79 -29.73
CA HIS C 211 0.04 21.15 -31.15
C HIS C 211 -1.24 21.87 -31.62
N GLY C 212 -1.77 22.77 -30.81
CA GLY C 212 -2.95 23.56 -31.19
C GLY C 212 -4.28 22.90 -30.97
N VAL C 213 -4.33 21.84 -30.18
CA VAL C 213 -5.59 21.20 -29.81
C VAL C 213 -6.23 22.06 -28.67
N LYS C 214 -7.54 22.27 -28.72
CA LYS C 214 -8.27 23.04 -27.71
C LYS C 214 -8.42 22.27 -26.42
N PRO C 215 -8.40 22.95 -25.25
CA PRO C 215 -8.64 22.24 -23.99
C PRO C 215 -10.09 21.78 -23.87
N PHE C 216 -10.30 20.63 -23.20
CA PHE C 216 -11.61 20.06 -22.92
C PHE C 216 -12.49 19.87 -24.18
N GLN C 217 -11.91 19.35 -25.26
CA GLN C 217 -12.69 19.07 -26.48
C GLN C 217 -13.73 18.00 -26.23
N GLY C 218 -14.96 18.24 -26.66
CA GLY C 218 -16.05 17.30 -26.47
C GLY C 218 -16.66 17.36 -25.09
N VAL C 219 -16.29 18.36 -24.27
CA VAL C 219 -16.82 18.51 -22.93
C VAL C 219 -17.68 19.79 -22.91
N LYS C 220 -18.88 19.71 -22.33
CA LYS C 220 -19.74 20.88 -22.18
C LYS C 220 -19.15 21.80 -21.09
N ASN C 221 -19.30 23.11 -21.26
CA ASN C 221 -18.80 24.14 -20.32
C ASN C 221 -19.20 23.89 -18.87
N ASN C 222 -20.46 23.44 -18.61
CA ASN C 222 -20.92 23.16 -17.26
C ASN C 222 -20.21 21.94 -16.64
N ASP C 223 -19.87 20.95 -17.45
CA ASP C 223 -19.10 19.81 -16.97
C ASP C 223 -17.63 20.21 -16.69
N VAL C 224 -17.10 21.18 -17.46
CA VAL C 224 -15.72 21.71 -17.27
C VAL C 224 -15.65 22.43 -15.92
N ILE C 225 -16.70 23.22 -15.59
CA ILE C 225 -16.85 23.90 -14.31
C ILE C 225 -16.80 22.85 -13.18
N GLY C 226 -17.56 21.77 -13.34
CA GLY C 226 -17.57 20.66 -12.40
C GLY C 226 -16.20 20.03 -12.25
N ARG C 227 -15.52 19.69 -13.38
CA ARG C 227 -14.19 19.09 -13.34
C ARG C 227 -13.21 19.96 -12.61
N ILE C 228 -13.17 21.26 -12.93
CA ILE C 228 -12.25 22.22 -12.33
C ILE C 228 -12.49 22.42 -10.84
N GLU C 229 -13.75 22.62 -10.42
CA GLU C 229 -14.05 22.76 -9.01
C GLU C 229 -13.75 21.46 -8.24
N ASN C 230 -13.88 20.29 -8.91
CA ASN C 230 -13.61 19.00 -8.25
C ASN C 230 -12.13 18.60 -8.21
N GLY C 231 -11.24 19.48 -8.67
CA GLY C 231 -9.81 19.18 -8.64
C GLY C 231 -9.23 18.57 -9.91
N GLU C 232 -10.07 18.22 -10.91
CA GLU C 232 -9.55 17.67 -12.16
C GLU C 232 -8.84 18.75 -13.00
N ARG C 233 -7.82 18.34 -13.73
CA ARG C 233 -7.01 19.23 -14.54
C ARG C 233 -6.71 18.60 -15.92
N LEU C 234 -6.26 19.42 -16.89
CA LEU C 234 -5.86 18.98 -18.22
C LEU C 234 -4.72 17.97 -18.10
N PRO C 235 -4.77 16.88 -18.87
CA PRO C 235 -3.77 15.81 -18.68
C PRO C 235 -2.41 16.15 -19.26
N MET C 236 -1.37 15.37 -18.87
CA MET C 236 -0.02 15.63 -19.37
C MET C 236 0.04 15.34 -20.84
N PRO C 237 0.36 16.36 -21.67
CA PRO C 237 0.45 16.12 -23.12
C PRO C 237 1.53 15.09 -23.44
N PRO C 238 1.29 14.21 -24.42
CA PRO C 238 2.34 13.23 -24.82
C PRO C 238 3.64 13.92 -25.20
N ASN C 239 4.78 13.43 -24.66
CA ASN C 239 6.12 13.98 -24.90
C ASN C 239 6.42 15.32 -24.19
N CYS C 240 5.48 15.82 -23.38
CA CYS C 240 5.74 17.02 -22.60
C CYS C 240 6.73 16.66 -21.50
N PRO C 241 7.83 17.45 -21.33
CA PRO C 241 8.77 17.15 -20.25
C PRO C 241 8.07 17.22 -18.90
N PRO C 242 8.30 16.25 -18.01
CA PRO C 242 7.60 16.24 -16.72
C PRO C 242 7.74 17.54 -15.94
N THR C 243 8.90 18.19 -15.98
CA THR C 243 9.13 19.46 -15.27
C THR C 243 8.21 20.56 -15.84
N LEU C 244 7.94 20.53 -17.16
CA LEU C 244 7.05 21.51 -17.79
C LEU C 244 5.59 21.23 -17.38
N TYR C 245 5.19 19.95 -17.29
CA TYR C 245 3.83 19.64 -16.84
C TYR C 245 3.62 20.03 -15.38
N SER C 246 4.64 19.82 -14.52
CA SER C 246 4.57 20.22 -13.11
C SER C 246 4.36 21.75 -13.01
N LEU C 247 5.03 22.50 -13.88
CA LEU C 247 4.89 23.96 -13.95
C LEU C 247 3.48 24.35 -14.34
N MET C 248 2.87 23.67 -15.32
CA MET C 248 1.49 23.92 -15.73
C MET C 248 0.54 23.64 -14.55
N THR C 249 0.73 22.54 -13.78
CA THR C 249 -0.18 22.25 -12.64
C THR C 249 -0.06 23.29 -11.54
N LYS C 250 1.10 23.92 -11.39
CA LYS C 250 1.28 25.00 -10.42
C LYS C 250 0.48 26.25 -10.89
N CYS C 251 0.36 26.49 -12.22
CA CYS C 251 -0.46 27.60 -12.74
C CYS C 251 -1.96 27.34 -12.41
N TRP C 252 -2.33 26.05 -12.24
CA TRP C 252 -3.70 25.67 -11.99
C TRP C 252 -4.01 25.40 -10.52
N ALA C 253 -3.28 26.04 -9.58
CA ALA C 253 -3.62 25.93 -8.17
C ALA C 253 -4.98 26.66 -7.98
N TYR C 254 -5.94 26.01 -7.30
CA TYR C 254 -7.26 26.62 -7.11
C TYR C 254 -7.18 28.00 -6.46
N ASP C 255 -6.40 28.11 -5.39
CA ASP C 255 -6.19 29.36 -4.68
C ASP C 255 -5.19 30.19 -5.49
N PRO C 256 -5.59 31.40 -5.97
CA PRO C 256 -4.68 32.21 -6.78
C PRO C 256 -3.38 32.61 -6.06
N SER C 257 -3.41 32.70 -4.72
CA SER C 257 -2.21 33.03 -3.95
C SER C 257 -1.16 31.91 -3.95
N ARG C 258 -1.53 30.68 -4.36
CA ARG C 258 -0.56 29.58 -4.43
C ARG C 258 0.07 29.39 -5.85
N ARG C 259 -0.39 30.18 -6.83
CA ARG C 259 0.14 30.14 -8.18
C ARG C 259 1.47 30.89 -8.23
N PRO C 260 2.41 30.49 -9.09
CA PRO C 260 3.63 31.28 -9.25
C PRO C 260 3.32 32.60 -9.98
N ARG C 261 4.25 33.54 -9.87
CA ARG C 261 4.16 34.80 -10.58
C ARG C 261 4.85 34.61 -11.96
N PHE C 262 4.64 35.52 -12.92
CA PHE C 262 5.24 35.37 -14.26
C PHE C 262 6.79 35.40 -14.26
N THR C 263 7.46 36.15 -13.34
CA THR C 263 8.94 36.16 -13.29
C THR C 263 9.48 34.76 -12.92
N GLU C 264 8.74 34.05 -12.04
CA GLU C 264 9.07 32.68 -11.64
C GLU C 264 8.88 31.74 -12.83
N LEU C 265 7.77 31.89 -13.62
CA LEU C 265 7.49 31.05 -14.79
C LEU C 265 8.60 31.28 -15.84
N LYS C 266 9.00 32.54 -16.06
CA LYS C 266 10.04 32.89 -17.01
C LYS C 266 11.36 32.19 -16.68
N ALA C 267 11.81 32.30 -15.41
CA ALA C 267 13.05 31.69 -14.95
C ALA C 267 13.02 30.15 -15.08
N GLN C 268 11.87 29.54 -14.73
CA GLN C 268 11.75 28.10 -14.81
C GLN C 268 11.67 27.59 -16.25
N LEU C 269 11.03 28.35 -17.15
CA LEU C 269 10.92 28.01 -18.57
C LEU C 269 12.29 28.11 -19.26
N SER C 270 13.14 29.05 -18.84
CA SER C 270 14.49 29.20 -19.38
C SER C 270 15.30 27.94 -19.04
N THR C 271 15.18 27.45 -17.80
CA THR C 271 15.84 26.22 -17.36
C THR C 271 15.32 25.01 -18.15
N ILE C 272 14.00 24.88 -18.31
CA ILE C 272 13.42 23.78 -19.08
C ILE C 272 13.92 23.82 -20.54
N LEU C 273 13.96 25.01 -21.16
CA LEU C 273 14.43 25.18 -22.53
C LEU C 273 15.91 24.77 -22.67
N GLU C 274 16.78 25.23 -21.76
CA GLU C 274 18.20 24.86 -21.83
C GLU C 274 18.41 23.36 -21.57
N GLU C 275 17.56 22.72 -20.74
CA GLU C 275 17.68 21.28 -20.49
C GLU C 275 17.30 20.50 -21.75
N GLU C 276 16.29 20.97 -22.51
CA GLU C 276 15.87 20.32 -23.74
C GLU C 276 16.91 20.49 -24.83
N LYS C 277 17.49 21.71 -24.97
CA LYS C 277 18.53 21.98 -25.97
C LYS C 277 19.81 21.17 -25.74
N ALA C 278 20.08 20.77 -24.49
CA ALA C 278 21.23 19.93 -24.17
C ALA C 278 20.83 18.44 -24.19
N GLN C 279 19.96 18.06 -25.15
CA GLN C 279 19.42 16.71 -25.34
C GLN C 279 18.55 16.24 -24.16
N TYR D 8 21.23 -4.77 18.35
CA TYR D 8 20.27 -5.87 18.38
C TYR D 8 18.80 -5.41 18.25
N GLU D 9 18.55 -4.13 17.94
CA GLU D 9 17.21 -3.58 17.82
C GLU D 9 16.48 -4.06 16.56
N ILE D 10 15.25 -4.55 16.69
CA ILE D 10 14.45 -5.03 15.56
C ILE D 10 13.19 -4.16 15.40
N GLN D 11 12.79 -3.86 14.15
CA GLN D 11 11.58 -3.09 13.87
C GLN D 11 10.37 -3.96 14.16
N ARG D 12 9.36 -3.42 14.84
CA ARG D 12 8.13 -4.16 15.11
C ARG D 12 7.37 -4.52 13.83
N GLU D 13 7.49 -3.69 12.78
CA GLU D 13 6.84 -3.96 11.50
C GLU D 13 7.38 -5.23 10.83
N ARG D 14 8.56 -5.73 11.25
CA ARG D 14 9.16 -6.94 10.72
C ARG D 14 8.80 -8.20 11.50
N ILE D 15 7.85 -8.11 12.43
CA ILE D 15 7.42 -9.27 13.20
C ILE D 15 5.95 -9.53 12.92
N GLU D 16 5.60 -10.79 12.67
CA GLU D 16 4.22 -11.18 12.55
C GLU D 16 3.95 -12.10 13.74
N LEU D 17 3.15 -11.64 14.69
CA LEU D 17 2.84 -12.40 15.90
C LEU D 17 1.85 -13.54 15.62
N GLY D 18 2.15 -14.72 16.13
CA GLY D 18 1.29 -15.89 15.96
C GLY D 18 0.70 -16.43 17.25
N ARG D 19 0.46 -17.75 17.33
CA ARG D 19 -0.16 -18.38 18.50
C ARG D 19 0.66 -18.32 19.79
N CYS D 20 -0.04 -18.32 20.93
CA CYS D 20 0.61 -18.34 22.23
C CYS D 20 1.19 -19.74 22.43
N ILE D 21 2.46 -19.84 22.80
CA ILE D 21 3.13 -21.11 23.05
C ILE D 21 3.56 -21.28 24.52
N GLY D 22 3.10 -20.40 25.41
CA GLY D 22 3.45 -20.48 26.81
C GLY D 22 3.31 -19.17 27.55
N GLU D 23 3.49 -19.22 28.85
CA GLU D 23 3.37 -18.05 29.71
C GLU D 23 4.68 -17.83 30.42
N GLY D 24 5.12 -16.59 30.45
CA GLY D 24 6.32 -16.22 31.19
C GLY D 24 5.98 -15.31 32.36
N GLN D 25 6.98 -14.99 33.19
CA GLN D 25 6.78 -14.13 34.36
C GLN D 25 6.32 -12.73 33.98
N PHE D 26 6.82 -12.20 32.86
CA PHE D 26 6.49 -10.85 32.41
C PHE D 26 5.32 -10.77 31.45
N GLY D 27 4.95 -11.89 30.83
CA GLY D 27 3.87 -11.92 29.86
C GLY D 27 3.88 -13.17 29.01
N ASP D 28 2.94 -13.25 28.07
CA ASP D 28 2.83 -14.41 27.20
C ASP D 28 3.97 -14.54 26.18
N VAL D 29 4.28 -15.76 25.80
CA VAL D 29 5.27 -16.07 24.79
C VAL D 29 4.53 -16.58 23.57
N HIS D 30 4.87 -16.05 22.40
CA HIS D 30 4.21 -16.44 21.16
C HIS D 30 5.18 -17.00 20.15
N GLN D 31 4.66 -17.77 19.21
CA GLN D 31 5.37 -18.20 18.03
C GLN D 31 5.15 -17.07 17.01
N GLY D 32 6.07 -16.89 16.05
CA GLY D 32 5.90 -15.85 15.06
C GLY D 32 6.89 -15.92 13.92
N ILE D 33 6.90 -14.89 13.08
CA ILE D 33 7.79 -14.83 11.95
C ILE D 33 8.56 -13.50 11.96
N TYR D 34 9.86 -13.56 11.74
CA TYR D 34 10.70 -12.38 11.64
C TYR D 34 11.09 -12.23 10.18
N MET D 35 10.60 -11.16 9.53
CA MET D 35 10.92 -10.84 8.15
C MET D 35 12.26 -10.11 8.15
N SER D 36 13.33 -10.89 8.24
CA SER D 36 14.69 -10.37 8.29
C SER D 36 15.03 -9.57 7.03
N PRO D 37 15.73 -8.43 7.18
CA PRO D 37 16.06 -7.62 6.00
C PRO D 37 16.98 -8.38 5.05
N GLU D 38 16.62 -8.43 3.74
CA GLU D 38 17.38 -9.11 2.68
C GLU D 38 17.68 -10.60 2.95
N ASN D 39 16.82 -11.30 3.72
CA ASN D 39 17.02 -12.71 4.04
C ASN D 39 15.67 -13.50 4.03
N PRO D 40 15.66 -14.85 3.98
CA PRO D 40 14.37 -15.57 4.11
C PRO D 40 13.77 -15.32 5.51
N ALA D 41 12.44 -15.32 5.62
CA ALA D 41 11.79 -15.08 6.90
C ALA D 41 12.05 -16.25 7.88
N LEU D 42 12.31 -15.93 9.16
CA LEU D 42 12.61 -16.94 10.18
C LEU D 42 11.46 -17.19 11.12
N ALA D 43 11.32 -18.45 11.56
CA ALA D 43 10.34 -18.82 12.58
C ALA D 43 11.01 -18.41 13.90
N VAL D 44 10.30 -17.64 14.73
CA VAL D 44 10.84 -17.13 15.98
C VAL D 44 9.85 -17.34 17.16
N ALA D 45 10.37 -17.18 18.38
CA ALA D 45 9.60 -17.16 19.62
C ALA D 45 9.70 -15.73 20.13
N ILE D 46 8.57 -15.17 20.57
CA ILE D 46 8.50 -13.79 21.02
C ILE D 46 8.07 -13.69 22.47
N LYS D 47 8.96 -13.20 23.32
CA LYS D 47 8.65 -12.99 24.73
C LYS D 47 8.07 -11.58 24.84
N THR D 48 6.83 -11.47 25.32
CA THR D 48 6.21 -10.17 25.50
C THR D 48 6.24 -9.74 26.96
N CYS D 49 6.11 -8.42 27.19
CA CYS D 49 6.08 -7.88 28.53
C CYS D 49 4.83 -7.03 28.71
N LYS D 50 3.99 -7.40 29.67
CA LYS D 50 2.73 -6.71 29.93
C LYS D 50 2.91 -5.34 30.63
N ASN D 51 3.73 -5.28 31.71
CA ASN D 51 3.93 -4.03 32.46
C ASN D 51 5.33 -3.43 32.34
N CYS D 52 5.91 -3.46 31.13
CA CYS D 52 7.22 -2.86 30.93
C CYS D 52 7.17 -1.32 30.79
N THR D 53 6.04 -0.68 31.16
CA THR D 53 5.95 0.78 31.19
C THR D 53 6.78 1.33 32.36
N SER D 54 6.97 0.55 33.44
CA SER D 54 7.81 0.94 34.57
C SER D 54 9.25 0.60 34.19
N ASP D 55 10.16 1.57 34.34
CA ASP D 55 11.58 1.43 34.01
C ASP D 55 12.27 0.27 34.71
N SER D 56 11.92 0.01 35.97
CA SER D 56 12.55 -1.07 36.72
C SER D 56 12.15 -2.45 36.20
N VAL D 57 10.89 -2.62 35.79
CA VAL D 57 10.40 -3.89 35.25
C VAL D 57 11.01 -4.11 33.85
N ARG D 58 11.01 -3.05 33.03
CA ARG D 58 11.54 -3.00 31.67
C ARG D 58 13.02 -3.40 31.59
N GLU D 59 13.86 -2.86 32.47
CA GLU D 59 15.28 -3.22 32.47
C GLU D 59 15.53 -4.63 33.00
N LYS D 60 14.68 -5.10 33.92
CA LYS D 60 14.75 -6.45 34.47
C LYS D 60 14.40 -7.48 33.37
N PHE D 61 13.40 -7.16 32.53
CA PHE D 61 12.99 -7.99 31.40
C PHE D 61 14.08 -7.98 30.32
N LEU D 62 14.64 -6.83 29.99
CA LEU D 62 15.70 -6.68 29.00
C LEU D 62 17.04 -7.32 29.43
N GLN D 63 17.27 -7.48 30.73
CA GLN D 63 18.46 -8.16 31.24
C GLN D 63 18.45 -9.65 30.82
N GLU D 64 17.24 -10.24 30.64
CA GLU D 64 17.12 -11.62 30.21
C GLU D 64 17.62 -11.80 28.77
N ALA D 65 17.44 -10.77 27.92
CA ALA D 65 17.94 -10.82 26.54
C ALA D 65 19.47 -10.73 26.57
N LEU D 66 20.04 -9.86 27.42
CA LEU D 66 21.49 -9.70 27.59
C LEU D 66 22.14 -11.00 28.11
N THR D 67 21.43 -11.75 28.97
CA THR D 67 21.91 -13.03 29.48
C THR D 67 22.09 -14.02 28.33
N MET D 68 21.11 -14.11 27.42
CA MET D 68 21.21 -15.01 26.28
C MET D 68 22.17 -14.55 25.20
N ARG D 69 22.34 -13.24 25.06
CA ARG D 69 23.24 -12.62 24.07
C ARG D 69 24.70 -13.07 24.26
N GLN D 70 25.11 -13.31 25.50
CA GLN D 70 26.49 -13.72 25.79
C GLN D 70 26.82 -15.17 25.38
N PHE D 71 25.81 -15.99 25.03
CA PHE D 71 26.04 -17.38 24.65
C PHE D 71 25.88 -17.63 23.16
N ASP D 72 26.69 -18.53 22.62
CA ASP D 72 26.64 -18.90 21.21
C ASP D 72 26.98 -20.39 21.14
N HIS D 73 25.95 -21.24 21.16
CA HIS D 73 26.15 -22.69 21.14
C HIS D 73 25.02 -23.36 20.35
N PRO D 74 25.33 -24.41 19.56
CA PRO D 74 24.27 -25.07 18.76
C PRO D 74 23.12 -25.68 19.56
N HIS D 75 23.30 -25.94 20.88
CA HIS D 75 22.23 -26.56 21.67
C HIS D 75 21.70 -25.64 22.77
N ILE D 76 21.76 -24.32 22.54
CA ILE D 76 21.20 -23.29 23.43
C ILE D 76 20.45 -22.30 22.51
N VAL D 77 19.16 -21.99 22.81
CA VAL D 77 18.40 -21.03 21.98
C VAL D 77 19.11 -19.68 21.86
N LYS D 78 19.13 -19.12 20.64
CA LYS D 78 19.78 -17.86 20.37
C LYS D 78 18.86 -16.67 20.44
N LEU D 79 19.42 -15.55 20.86
CA LEU D 79 18.74 -14.27 20.84
C LEU D 79 18.84 -13.75 19.41
N ILE D 80 17.71 -13.34 18.84
CA ILE D 80 17.67 -12.72 17.50
C ILE D 80 17.75 -11.19 17.66
N GLY D 81 17.02 -10.63 18.62
CA GLY D 81 17.03 -9.21 18.88
C GLY D 81 15.95 -8.76 19.84
N VAL D 82 15.80 -7.44 20.04
CA VAL D 82 14.82 -6.87 20.96
C VAL D 82 14.07 -5.68 20.33
N ILE D 83 12.87 -5.41 20.84
CA ILE D 83 12.08 -4.24 20.45
C ILE D 83 11.94 -3.47 21.76
N THR D 84 12.64 -2.33 21.89
CA THR D 84 12.64 -1.58 23.15
C THR D 84 11.59 -0.49 23.26
N GLU D 85 10.76 -0.31 22.24
CA GLU D 85 9.66 0.64 22.33
C GLU D 85 8.51 -0.12 23.04
N ASN D 86 7.66 0.57 23.82
CA ASN D 86 6.57 -0.11 24.50
C ASN D 86 5.51 -0.56 23.45
N PRO D 87 5.05 -1.83 23.48
CA PRO D 87 5.40 -2.90 24.42
C PRO D 87 6.69 -3.63 24.07
N VAL D 88 7.58 -3.75 25.05
CA VAL D 88 8.89 -4.38 24.90
C VAL D 88 8.79 -5.87 24.58
N TRP D 89 9.54 -6.32 23.57
CA TRP D 89 9.55 -7.70 23.13
C TRP D 89 10.98 -8.22 23.01
N ILE D 90 11.18 -9.51 23.29
CA ILE D 90 12.46 -10.17 23.07
C ILE D 90 12.23 -11.23 22.00
N ILE D 91 13.02 -11.22 20.95
CA ILE D 91 12.88 -12.15 19.83
C ILE D 91 13.94 -13.22 19.93
N MET D 92 13.53 -14.49 20.09
CA MET D 92 14.42 -15.64 20.19
C MET D 92 14.22 -16.58 19.00
N GLU D 93 15.18 -17.49 18.74
CA GLU D 93 14.98 -18.50 17.70
C GLU D 93 13.85 -19.46 18.16
N LEU D 94 13.05 -19.98 17.23
CA LEU D 94 12.01 -20.92 17.59
C LEU D 94 12.52 -22.34 17.45
N CYS D 95 12.18 -23.21 18.40
CA CYS D 95 12.47 -24.64 18.29
C CYS D 95 11.10 -25.16 17.85
N THR D 96 10.97 -25.46 16.56
CA THR D 96 9.68 -25.73 15.90
C THR D 96 8.81 -26.80 16.53
N LEU D 97 9.40 -27.93 16.96
CA LEU D 97 8.63 -29.03 17.50
C LEU D 97 8.19 -28.87 18.97
N GLY D 98 8.59 -27.79 19.63
CA GLY D 98 8.17 -27.49 21.00
C GLY D 98 8.86 -28.16 22.16
N GLU D 99 8.08 -28.39 23.23
CA GLU D 99 8.56 -28.95 24.50
C GLU D 99 9.02 -30.38 24.42
N LEU D 100 10.22 -30.67 24.99
CA LEU D 100 10.80 -32.02 25.04
C LEU D 100 9.89 -33.04 25.72
N ARG D 101 9.27 -32.70 26.85
CA ARG D 101 8.44 -33.67 27.58
C ARG D 101 7.25 -34.14 26.74
N SER D 102 6.51 -33.20 26.14
CA SER D 102 5.38 -33.52 25.28
C SER D 102 5.83 -34.36 24.07
N PHE D 103 6.98 -34.03 23.49
CA PHE D 103 7.57 -34.72 22.35
C PHE D 103 7.91 -36.17 22.71
N LEU D 104 8.54 -36.38 23.87
CA LEU D 104 8.89 -37.75 24.32
C LEU D 104 7.65 -38.57 24.62
N GLN D 105 6.60 -37.96 25.20
CA GLN D 105 5.36 -38.67 25.53
C GLN D 105 4.65 -39.11 24.26
N VAL D 106 4.42 -38.20 23.30
CA VAL D 106 3.76 -38.51 22.03
C VAL D 106 4.52 -39.62 21.29
N ARG D 107 5.86 -39.55 21.34
CA ARG D 107 6.70 -40.55 20.67
C ARG D 107 7.31 -41.60 21.62
N LYS D 108 6.59 -41.95 22.70
CA LYS D 108 7.11 -42.93 23.67
C LYS D 108 7.40 -44.27 23.06
N TYR D 109 6.63 -44.69 22.04
CA TYR D 109 6.84 -46.00 21.42
C TYR D 109 7.56 -45.93 20.06
N SER D 110 7.97 -44.73 19.59
CA SER D 110 8.58 -44.61 18.27
C SER D 110 10.02 -44.07 18.25
N LEU D 111 10.49 -43.52 19.38
CA LEU D 111 11.86 -43.01 19.43
C LEU D 111 12.77 -44.13 19.88
N ASP D 112 13.82 -44.42 19.10
CA ASP D 112 14.77 -45.45 19.50
C ASP D 112 15.71 -44.95 20.62
N LEU D 113 16.33 -45.88 21.32
CA LEU D 113 17.24 -45.61 22.43
C LEU D 113 18.39 -44.69 22.03
N ALA D 114 18.94 -44.86 20.82
CA ALA D 114 20.02 -44.01 20.32
C ALA D 114 19.62 -42.54 20.27
N SER D 115 18.35 -42.22 19.93
CA SER D 115 17.88 -40.83 19.89
C SER D 115 17.84 -40.23 21.29
N LEU D 116 17.41 -41.02 22.29
CA LEU D 116 17.33 -40.58 23.68
C LEU D 116 18.71 -40.25 24.24
N ILE D 117 19.70 -41.14 23.98
CA ILE D 117 21.07 -40.92 24.40
C ILE D 117 21.64 -39.70 23.67
N LEU D 118 21.33 -39.53 22.37
CA LEU D 118 21.74 -38.35 21.58
C LEU D 118 21.25 -37.07 22.23
N TYR D 119 19.98 -37.04 22.69
CA TYR D 119 19.44 -35.83 23.34
C TYR D 119 20.24 -35.51 24.61
N ALA D 120 20.57 -36.53 25.44
CA ALA D 120 21.34 -36.36 26.67
C ALA D 120 22.75 -35.87 26.32
N TYR D 121 23.36 -36.43 25.28
CA TYR D 121 24.69 -36.00 24.82
C TYR D 121 24.68 -34.52 24.38
N GLN D 122 23.68 -34.12 23.57
CA GLN D 122 23.57 -32.75 23.08
C GLN D 122 23.48 -31.74 24.22
N LEU D 123 22.67 -32.06 25.23
CA LEU D 123 22.52 -31.20 26.41
C LEU D 123 23.83 -31.14 27.22
N SER D 124 24.57 -32.25 27.31
CA SER D 124 25.85 -32.26 28.02
C SER D 124 26.89 -31.35 27.33
N THR D 125 26.83 -31.20 25.98
CA THR D 125 27.75 -30.31 25.27
C THR D 125 27.41 -28.83 25.57
N ALA D 126 26.11 -28.51 25.69
CA ALA D 126 25.68 -27.16 26.02
C ALA D 126 26.06 -26.84 27.48
N LEU D 127 25.94 -27.84 28.38
CA LEU D 127 26.25 -27.64 29.78
C LEU D 127 27.75 -27.57 30.04
N ALA D 128 28.58 -28.30 29.26
CA ALA D 128 30.04 -28.18 29.36
C ALA D 128 30.47 -26.79 28.86
N TYR D 129 29.78 -26.26 27.83
CA TYR D 129 30.03 -24.93 27.30
C TYR D 129 29.69 -23.88 28.39
N LEU D 130 28.52 -24.00 29.06
CA LEU D 130 28.15 -23.06 30.12
C LEU D 130 29.17 -23.12 31.27
N GLU D 131 29.62 -24.33 31.64
CA GLU D 131 30.62 -24.51 32.68
C GLU D 131 31.96 -23.86 32.27
N SER D 132 32.33 -23.91 30.97
CA SER D 132 33.53 -23.25 30.44
C SER D 132 33.47 -21.71 30.63
N LYS D 133 32.25 -21.16 30.70
CA LYS D 133 32.04 -19.73 30.92
C LYS D 133 31.82 -19.40 32.43
N ARG D 134 31.91 -20.41 33.32
CA ARG D 134 31.64 -20.32 34.76
C ARG D 134 30.22 -19.84 35.03
N PHE D 135 29.28 -20.33 34.22
CA PHE D 135 27.88 -19.95 34.34
C PHE D 135 27.10 -21.09 34.98
N VAL D 136 26.39 -20.80 36.07
CA VAL D 136 25.58 -21.80 36.76
C VAL D 136 24.12 -21.61 36.32
N HIS D 137 23.50 -22.66 35.74
CA HIS D 137 22.14 -22.63 35.24
C HIS D 137 21.06 -22.57 36.35
N ARG D 138 21.11 -23.50 37.31
CA ARG D 138 20.18 -23.61 38.47
C ARG D 138 18.82 -24.22 38.19
N ASP D 139 18.44 -24.44 36.93
CA ASP D 139 17.12 -25.00 36.61
C ASP D 139 17.17 -26.01 35.46
N ILE D 140 18.05 -26.98 35.56
CA ILE D 140 18.17 -28.03 34.56
C ILE D 140 17.07 -29.07 34.80
N ALA D 141 16.19 -29.24 33.84
CA ALA D 141 15.03 -30.14 33.88
C ALA D 141 14.49 -30.32 32.46
N ALA D 142 13.81 -31.44 32.18
CA ALA D 142 13.26 -31.67 30.83
C ALA D 142 12.27 -30.61 30.40
N ARG D 143 11.57 -29.98 31.37
CA ARG D 143 10.63 -28.90 31.04
C ARG D 143 11.30 -27.67 30.41
N ASN D 144 12.61 -27.50 30.59
CA ASN D 144 13.35 -26.39 30.02
C ASN D 144 14.17 -26.80 28.80
N VAL D 145 13.79 -27.88 28.14
CA VAL D 145 14.47 -28.38 26.96
C VAL D 145 13.45 -28.35 25.81
N LEU D 146 13.89 -27.84 24.66
CA LEU D 146 13.05 -27.69 23.49
C LEU D 146 13.58 -28.54 22.32
N VAL D 147 12.70 -28.85 21.36
CA VAL D 147 13.01 -29.69 20.22
C VAL D 147 13.00 -28.86 18.91
N SER D 148 14.17 -28.64 18.29
CA SER D 148 14.19 -27.92 17.02
C SER D 148 13.95 -28.84 15.82
N SER D 149 14.29 -30.15 15.96
CA SER D 149 14.06 -31.20 14.96
C SER D 149 14.15 -32.59 15.64
N ASN D 150 13.83 -33.70 14.93
CA ASN D 150 13.92 -35.05 15.49
C ASN D 150 15.31 -35.40 16.02
N ASP D 151 16.37 -34.75 15.50
CA ASP D 151 17.72 -35.06 15.98
C ASP D 151 18.43 -33.85 16.56
N CYS D 152 17.67 -32.93 17.18
CA CYS D 152 18.25 -31.76 17.79
C CYS D 152 17.40 -31.19 18.90
N VAL D 153 17.95 -31.18 20.11
CA VAL D 153 17.31 -30.55 21.26
C VAL D 153 18.18 -29.37 21.73
N LYS D 154 17.55 -28.40 22.39
CA LYS D 154 18.28 -27.23 22.88
C LYS D 154 17.78 -26.84 24.26
N LEU D 155 18.65 -26.21 25.06
CA LEU D 155 18.25 -25.62 26.33
C LEU D 155 17.40 -24.40 25.97
N GLY D 156 16.25 -24.25 26.62
CA GLY D 156 15.38 -23.12 26.36
C GLY D 156 15.86 -21.83 27.00
N ASP D 157 15.08 -20.76 26.84
CA ASP D 157 15.42 -19.46 27.41
C ASP D 157 15.65 -19.51 28.93
N PHE D 158 16.74 -18.88 29.39
CA PHE D 158 17.12 -18.93 30.81
C PHE D 158 16.16 -18.15 31.71
N GLY D 159 15.71 -16.99 31.24
CA GLY D 159 14.73 -16.17 31.94
C GLY D 159 13.41 -16.88 32.12
N LEU D 160 12.93 -17.59 31.08
CA LEU D 160 11.68 -18.37 31.13
C LEU D 160 11.82 -19.66 32.00
N SER D 161 13.04 -20.08 32.30
CA SER D 161 13.28 -21.21 33.17
C SER D 161 13.03 -20.72 34.63
N ARG D 162 11.84 -21.04 35.19
CA ARG D 162 11.49 -20.60 36.55
C ARG D 162 12.36 -21.28 37.62
N LEU D 177 9.94 -23.86 44.37
CA LEU D 177 11.25 -24.43 44.06
C LEU D 177 11.09 -25.80 43.39
N PRO D 178 11.94 -26.15 42.42
CA PRO D 178 11.85 -27.50 41.81
C PRO D 178 12.60 -28.54 42.65
N ILE D 179 12.12 -28.79 43.87
CA ILE D 179 12.72 -29.70 44.87
C ILE D 179 13.12 -31.09 44.32
N LYS D 180 12.28 -31.72 43.47
CA LYS D 180 12.52 -33.06 42.90
C LYS D 180 13.69 -33.17 41.91
N TRP D 181 14.24 -32.03 41.51
CA TRP D 181 15.37 -31.93 40.59
C TRP D 181 16.64 -31.43 41.32
N MET D 182 16.49 -30.82 42.50
CA MET D 182 17.58 -30.14 43.18
C MET D 182 18.53 -30.99 43.98
N ALA D 183 19.82 -30.59 43.96
CA ALA D 183 20.86 -31.22 44.76
C ALA D 183 20.55 -30.95 46.25
N PRO D 184 21.01 -31.83 47.15
CA PRO D 184 20.72 -31.65 48.58
C PRO D 184 21.25 -30.35 49.16
N GLU D 185 22.43 -29.87 48.73
CA GLU D 185 22.98 -28.60 49.21
C GLU D 185 22.17 -27.39 48.70
N SER D 186 21.45 -27.55 47.57
CA SER D 186 20.60 -26.49 47.06
C SER D 186 19.29 -26.43 47.88
N ILE D 187 18.75 -27.61 48.26
CA ILE D 187 17.53 -27.69 49.05
C ILE D 187 17.81 -27.20 50.47
N ASN D 188 18.89 -27.68 51.07
CA ASN D 188 19.23 -27.36 52.45
C ASN D 188 19.83 -25.99 52.67
N PHE D 189 20.74 -25.53 51.78
CA PHE D 189 21.44 -24.27 52.01
C PHE D 189 21.32 -23.21 50.91
N ARG D 190 20.46 -23.40 49.90
CA ARG D 190 20.33 -22.48 48.77
C ARG D 190 21.65 -22.25 48.04
N ARG D 191 22.50 -23.30 48.01
CA ARG D 191 23.80 -23.26 47.37
C ARG D 191 23.67 -23.83 45.96
N PHE D 192 24.08 -23.05 44.96
CA PHE D 192 23.96 -23.45 43.57
C PHE D 192 25.33 -23.30 42.91
N THR D 193 25.88 -24.42 42.40
CA THR D 193 27.19 -24.44 41.75
C THR D 193 27.11 -25.30 40.46
N SER D 194 28.24 -25.42 39.71
CA SER D 194 28.31 -26.32 38.57
C SER D 194 28.05 -27.79 39.02
N ALA D 195 28.45 -28.15 40.24
CA ALA D 195 28.21 -29.48 40.80
C ALA D 195 26.71 -29.74 41.06
N SER D 196 25.96 -28.72 41.51
CA SER D 196 24.52 -28.91 41.72
C SER D 196 23.80 -28.99 40.35
N ASP D 197 24.33 -28.33 39.30
CA ASP D 197 23.82 -28.42 37.93
C ASP D 197 23.98 -29.87 37.41
N VAL D 198 25.07 -30.55 37.78
CA VAL D 198 25.34 -31.94 37.41
C VAL D 198 24.29 -32.88 38.01
N TRP D 199 23.90 -32.63 39.27
CA TRP D 199 22.83 -33.41 39.92
C TRP D 199 21.52 -33.26 39.12
N MET D 200 21.15 -32.01 38.76
CA MET D 200 19.93 -31.70 38.02
C MET D 200 19.97 -32.35 36.64
N PHE D 201 21.14 -32.31 35.96
CA PHE D 201 21.33 -32.94 34.66
C PHE D 201 21.11 -34.45 34.74
N GLY D 202 21.52 -35.08 35.84
CA GLY D 202 21.28 -36.50 36.04
C GLY D 202 19.78 -36.79 36.10
N VAL D 203 19.02 -35.91 36.77
CA VAL D 203 17.56 -36.05 36.83
C VAL D 203 16.96 -35.86 35.43
N CYS D 204 17.47 -34.86 34.68
CA CYS D 204 17.04 -34.58 33.31
C CYS D 204 17.28 -35.79 32.40
N MET D 205 18.45 -36.45 32.52
CA MET D 205 18.76 -37.66 31.74
C MET D 205 17.76 -38.76 32.08
N TRP D 206 17.42 -38.92 33.37
CA TRP D 206 16.44 -39.91 33.83
C TRP D 206 15.07 -39.61 33.17
N GLU D 207 14.66 -38.34 33.13
CA GLU D 207 13.39 -37.93 32.50
C GLU D 207 13.37 -38.32 31.00
N ILE D 208 14.49 -38.09 30.29
CA ILE D 208 14.60 -38.42 28.88
C ILE D 208 14.47 -39.92 28.68
N LEU D 209 15.20 -40.72 29.48
CA LEU D 209 15.16 -42.17 29.37
C LEU D 209 13.79 -42.74 29.81
N MET D 210 13.00 -41.98 30.61
CA MET D 210 11.65 -42.35 31.05
C MET D 210 10.55 -41.82 30.13
N HIS D 211 10.91 -41.30 28.93
CA HIS D 211 9.98 -40.77 27.95
C HIS D 211 9.11 -39.62 28.47
N GLY D 212 9.71 -38.71 29.23
CA GLY D 212 9.00 -37.52 29.71
C GLY D 212 8.20 -37.68 30.97
N VAL D 213 8.43 -38.76 31.72
CA VAL D 213 7.77 -38.95 33.01
C VAL D 213 8.54 -38.11 34.06
N LYS D 214 7.82 -37.46 35.00
CA LYS D 214 8.41 -36.64 36.05
C LYS D 214 9.02 -37.49 37.16
N PRO D 215 10.12 -37.02 37.77
CA PRO D 215 10.70 -37.78 38.88
C PRO D 215 9.83 -37.67 40.14
N PHE D 216 9.83 -38.73 40.97
CA PHE D 216 9.12 -38.79 42.26
C PHE D 216 7.63 -38.49 42.16
N GLN D 217 6.94 -39.05 41.15
CA GLN D 217 5.49 -38.85 41.00
C GLN D 217 4.76 -39.46 42.18
N GLY D 218 3.80 -38.71 42.73
CA GLY D 218 3.05 -39.17 43.89
C GLY D 218 3.77 -38.95 45.22
N VAL D 219 4.91 -38.24 45.21
CA VAL D 219 5.67 -37.95 46.41
C VAL D 219 5.56 -36.46 46.70
N LYS D 220 5.27 -36.06 47.96
CA LYS D 220 5.19 -34.66 48.31
C LYS D 220 6.62 -34.11 48.41
N ASN D 221 6.81 -32.84 48.03
CA ASN D 221 8.12 -32.19 48.06
C ASN D 221 8.81 -32.28 49.41
N ASN D 222 8.07 -32.11 50.51
CA ASN D 222 8.68 -32.17 51.85
C ASN D 222 9.23 -33.57 52.19
N ASP D 223 8.67 -34.63 51.58
CA ASP D 223 9.11 -36.00 51.80
C ASP D 223 10.36 -36.39 50.95
N VAL D 224 10.69 -35.61 49.93
CA VAL D 224 11.80 -35.88 49.03
C VAL D 224 13.15 -35.79 49.71
N ILE D 225 13.44 -34.70 50.46
CA ILE D 225 14.77 -34.58 51.12
C ILE D 225 15.01 -35.71 52.15
N GLY D 226 13.98 -36.15 52.85
CA GLY D 226 14.13 -37.24 53.82
C GLY D 226 14.51 -38.56 53.17
N ARG D 227 13.95 -38.82 51.98
CA ARG D 227 14.23 -40.01 51.19
C ARG D 227 15.65 -39.95 50.61
N ILE D 228 16.05 -38.79 50.07
CA ILE D 228 17.38 -38.58 49.51
C ILE D 228 18.44 -38.72 50.58
N GLU D 229 18.20 -38.16 51.77
CA GLU D 229 19.16 -38.28 52.88
C GLU D 229 19.28 -39.70 53.40
N ASN D 230 18.23 -40.52 53.22
CA ASN D 230 18.29 -41.95 53.55
C ASN D 230 18.91 -42.79 52.39
N GLY D 231 19.46 -42.13 51.36
CA GLY D 231 20.14 -42.78 50.26
C GLY D 231 19.28 -43.13 49.06
N GLU D 232 17.98 -42.79 49.10
CA GLU D 232 17.08 -43.13 47.98
C GLU D 232 17.43 -42.38 46.70
N ARG D 233 17.38 -43.09 45.57
CA ARG D 233 17.65 -42.51 44.25
C ARG D 233 16.59 -43.00 43.26
N LEU D 234 16.42 -42.26 42.15
CA LEU D 234 15.49 -42.61 41.07
C LEU D 234 15.90 -43.95 40.48
N PRO D 235 14.93 -44.83 40.21
CA PRO D 235 15.28 -46.19 39.75
C PRO D 235 15.80 -46.25 38.31
N MET D 236 16.41 -47.38 37.93
CA MET D 236 16.91 -47.53 36.57
C MET D 236 15.75 -47.60 35.61
N PRO D 237 15.69 -46.67 34.65
CA PRO D 237 14.59 -46.67 33.69
C PRO D 237 14.61 -47.94 32.83
N PRO D 238 13.44 -48.47 32.45
CA PRO D 238 13.42 -49.67 31.58
C PRO D 238 14.16 -49.43 30.26
N ASN D 239 15.02 -50.36 29.86
CA ASN D 239 15.81 -50.28 28.63
C ASN D 239 17.04 -49.36 28.76
N CYS D 240 17.25 -48.70 29.90
CA CYS D 240 18.40 -47.83 30.06
C CYS D 240 19.64 -48.70 30.15
N PRO D 241 20.68 -48.43 29.33
CA PRO D 241 21.92 -49.23 29.44
C PRO D 241 22.52 -49.10 30.84
N PRO D 242 22.96 -50.21 31.46
CA PRO D 242 23.53 -50.12 32.81
C PRO D 242 24.65 -49.10 32.98
N THR D 243 25.51 -48.93 31.97
CA THR D 243 26.59 -47.94 32.00
C THR D 243 26.02 -46.50 32.11
N LEU D 244 24.89 -46.24 31.46
CA LEU D 244 24.24 -44.94 31.50
C LEU D 244 23.61 -44.71 32.88
N TYR D 245 23.02 -45.76 33.50
CA TYR D 245 22.45 -45.63 34.83
C TYR D 245 23.54 -45.39 35.87
N SER D 246 24.70 -46.04 35.72
CA SER D 246 25.84 -45.84 36.62
C SER D 246 26.31 -44.37 36.53
N LEU D 247 26.29 -43.79 35.33
CA LEU D 247 26.64 -42.39 35.11
C LEU D 247 25.65 -41.46 35.83
N MET D 248 24.34 -41.80 35.79
CA MET D 248 23.29 -41.06 36.50
C MET D 248 23.52 -41.10 38.00
N THR D 249 23.88 -42.28 38.57
CA THR D 249 24.11 -42.37 40.01
C THR D 249 25.34 -41.59 40.45
N LYS D 250 26.34 -41.43 39.57
CA LYS D 250 27.51 -40.60 39.87
C LYS D 250 27.12 -39.09 39.94
N CYS D 251 26.13 -38.67 39.13
CA CYS D 251 25.61 -37.30 39.20
C CYS D 251 24.91 -37.07 40.57
N TRP D 252 24.37 -38.16 41.17
CA TRP D 252 23.63 -38.11 42.42
C TRP D 252 24.46 -38.46 43.66
N ALA D 253 25.77 -38.21 43.63
CA ALA D 253 26.61 -38.41 44.81
C ALA D 253 26.21 -37.31 45.81
N TYR D 254 25.94 -37.65 47.07
CA TYR D 254 25.53 -36.65 48.08
C TYR D 254 26.57 -35.51 48.22
N ASP D 255 27.85 -35.88 48.27
CA ASP D 255 28.96 -34.93 48.35
C ASP D 255 29.16 -34.34 46.95
N PRO D 256 28.95 -33.02 46.80
CA PRO D 256 29.09 -32.39 45.47
C PRO D 256 30.45 -32.53 44.81
N SER D 257 31.51 -32.70 45.61
CA SER D 257 32.87 -32.87 45.10
C SER D 257 33.12 -34.25 44.46
N ARG D 258 32.23 -35.23 44.70
CA ARG D 258 32.37 -36.55 44.12
C ARG D 258 31.65 -36.72 42.77
N ARG D 259 30.89 -35.69 42.35
CA ARG D 259 30.18 -35.74 41.08
C ARG D 259 31.16 -35.41 39.93
N PRO D 260 30.94 -36.01 38.76
CA PRO D 260 31.76 -35.66 37.59
C PRO D 260 31.46 -34.24 37.10
N ARG D 261 32.36 -33.69 36.28
CA ARG D 261 32.15 -32.39 35.64
C ARG D 261 31.48 -32.65 34.28
N PHE D 262 30.97 -31.60 33.61
CA PHE D 262 30.28 -31.78 32.32
C PHE D 262 31.17 -32.28 31.17
N THR D 263 32.49 -31.94 31.15
CA THR D 263 33.40 -32.45 30.12
C THR D 263 33.55 -33.98 30.24
N GLU D 264 33.54 -34.48 31.49
CA GLU D 264 33.61 -35.92 31.77
C GLU D 264 32.29 -36.58 31.34
N LEU D 265 31.15 -35.96 31.65
CA LEU D 265 29.83 -36.47 31.28
C LEU D 265 29.68 -36.54 29.75
N LYS D 266 30.17 -35.52 29.05
CA LYS D 266 30.14 -35.41 27.59
C LYS D 266 30.97 -36.52 26.93
N ALA D 267 32.16 -36.79 27.46
CA ALA D 267 33.04 -37.85 26.95
C ALA D 267 32.41 -39.23 27.16
N GLN D 268 31.82 -39.46 28.35
CA GLN D 268 31.23 -40.76 28.66
C GLN D 268 29.93 -41.02 27.89
N LEU D 269 29.12 -39.97 27.66
CA LEU D 269 27.87 -40.07 26.90
C LEU D 269 28.13 -40.32 25.42
N SER D 270 29.27 -39.80 24.89
CA SER D 270 29.70 -40.04 23.50
C SER D 270 30.05 -41.53 23.33
N THR D 271 30.77 -42.11 24.31
CA THR D 271 31.14 -43.54 24.31
C THR D 271 29.89 -44.43 24.40
N ILE D 272 28.93 -44.06 25.26
CA ILE D 272 27.68 -44.80 25.40
C ILE D 272 26.85 -44.70 24.11
N LEU D 273 26.82 -43.50 23.49
CA LEU D 273 26.09 -43.25 22.25
C LEU D 273 26.64 -44.07 21.09
N GLU D 274 27.97 -44.10 20.93
CA GLU D 274 28.59 -44.88 19.86
C GLU D 274 28.43 -46.38 20.08
N GLU D 275 28.39 -46.82 21.34
CA GLU D 275 28.17 -48.23 21.65
C GLU D 275 26.75 -48.63 21.24
N GLU D 276 25.76 -47.76 21.51
CA GLU D 276 24.38 -48.05 21.15
C GLU D 276 24.18 -48.04 19.62
N LYS D 277 24.79 -47.07 18.92
CA LYS D 277 24.69 -46.97 17.47
C LYS D 277 25.30 -48.18 16.75
N ALA D 278 26.29 -48.83 17.36
CA ALA D 278 26.88 -50.05 16.79
C ALA D 278 26.19 -51.30 17.38
N GLN D 279 24.90 -51.17 17.81
CA GLN D 279 24.06 -52.18 18.42
C GLN D 279 24.77 -53.07 19.44
#